data_1L3M
#
_entry.id   1L3M
#
_entity_poly.entity_id   1
_entity_poly.type   'polydeoxyribonucleotide/polyribonucleotide hybrid'
_entity_poly.pdbx_seq_one_letter_code
;(DC)(DG)(DC)(A2M)(A2M)(A2M)(DT)(DT)(DT)(DG)(DC)(DG)
;
_entity_poly.pdbx_strand_id   A,B
#
loop_
_chem_comp.id
_chem_comp.type
_chem_comp.name
_chem_comp.formula
A2M RNA linking '2'-O-methyladenosine 5'-(dihydrogen phosphate)' 'C11 H16 N5 O7 P'
DC DNA linking 2'-DEOXYCYTIDINE-5'-MONOPHOSPHATE 'C9 H14 N3 O7 P'
DG DNA linking 2'-DEOXYGUANOSINE-5'-MONOPHOSPHATE 'C10 H14 N5 O7 P'
DT DNA linking THYMIDINE-5'-MONOPHOSPHATE 'C10 H15 N2 O8 P'
#
# COMPACT_ATOMS: atom_id res chain seq x y z
P A2M A 4 9.91 -5.51 -8.70
OP1 A2M A 4 10.10 -6.68 -9.59
O5' A2M A 4 8.91 -5.93 -7.50
C5' A2M A 4 9.14 -7.16 -6.80
C4' A2M A 4 8.46 -7.29 -5.40
O4' A2M A 4 8.83 -6.18 -4.58
C3' A2M A 4 6.94 -7.16 -5.44
O3' A2M A 4 6.29 -8.29 -6.09
C2' A2M A 4 6.72 -7.22 -3.90
O2' A2M A 4 7.11 -8.52 -3.35
C1' A2M A 4 7.83 -6.26 -3.55
CM' A2M A 4 6.13 -9.56 -3.32
N9 A2M A 4 7.77 -5.47 -2.30
C8 A2M A 4 8.02 -4.16 -2.17
N7 A2M A 4 7.94 -3.68 -0.93
C5 A2M A 4 7.62 -4.78 -0.20
C6 A2M A 4 7.40 -4.98 1.16
N6 A2M A 4 7.48 -4.00 2.06
N1 A2M A 4 7.10 -6.22 1.57
C2 A2M A 4 7.02 -7.20 0.68
N3 A2M A 4 7.22 -7.14 -0.63
C4 A2M A 4 7.51 -5.88 -1.02
H5' A2M A 4 10.20 -7.28 -6.63
H5'' A2M A 4 8.78 -7.98 -7.42
H4' A2M A 4 8.79 -8.21 -4.93
H3' A2M A 4 6.65 -6.24 -5.94
H2' A2M A 4 5.86 -6.71 -3.47
H1' A2M A 4 8.48 -6.93 -2.98
HM'1 A2M A 4 6.58 -10.47 -2.93
HM'2 A2M A 4 5.30 -9.27 -2.69
HM'3 A2M A 4 5.78 -9.74 -4.34
H8 A2M A 4 8.23 -3.60 -3.08
OP2 A2M A 4 9.43 -4.23 -9.27
H61 A2M A 4 7.37 -4.20 3.05
H62 A2M A 4 7.65 -3.06 1.74
H2 A2M A 4 6.77 -8.19 1.06
P A2M A 5 4.94 -8.09 -6.97
OP1 A2M A 5 4.71 -9.36 -7.71
O5' A2M A 5 3.74 -7.90 -5.90
C5' A2M A 5 3.21 -9.02 -5.16
C4' A2M A 5 2.74 -8.68 -3.73
O4' A2M A 5 3.75 -7.86 -3.12
C3' A2M A 5 1.48 -7.80 -3.67
O3' A2M A 5 0.28 -8.56 -3.96
C2' A2M A 5 1.55 -7.45 -2.16
O2' A2M A 5 1.40 -8.62 -1.32
C1' A2M A 5 3.01 -7.03 -2.24
CM' A2M A 5 0.89 -8.34 0.00
N9 A2M A 5 3.45 -5.83 -1.51
C8 A2M A 5 3.61 -4.58 -1.99
N7 A2M A 5 3.99 -3.69 -1.05
C5 A2M A 5 4.06 -4.44 0.08
C6 A2M A 5 4.40 -4.14 1.40
N6 A2M A 5 4.74 -2.92 1.80
N1 A2M A 5 4.37 -5.14 2.30
C2 A2M A 5 4.03 -6.36 1.91
N3 A2M A 5 3.69 -6.77 0.70
C4 A2M A 5 3.74 -5.74 -0.17
H5' A2M A 5 3.98 -9.77 -5.08
H5'' A2M A 5 2.37 -9.45 -5.71
H4' A2M A 5 2.60 -9.60 -3.17
H3' A2M A 5 1.59 -6.90 -4.26
H2' A2M A 5 0.94 -6.59 -1.89
H1' A2M A 5 3.39 -7.68 -1.44
HM'1 A2M A 5 0.81 -9.27 0.56
HM'2 A2M A 5 1.56 -7.68 0.55
HM'3 A2M A 5 -0.10 -7.89 -0.06
H8 A2M A 5 3.45 -4.32 -3.03
OP2 A2M A 5 5.08 -6.83 -7.74
H61 A2M A 5 4.94 -2.76 2.79
H62 A2M A 5 4.81 -2.17 1.13
H2 A2M A 5 4.00 -7.14 2.66
P A2M A 6 -0.80 -8.09 -5.07
OP1 A2M A 6 -0.70 -9.00 -6.23
O5' A2M A 6 -2.27 -8.31 -4.39
C5' A2M A 6 -2.57 -9.47 -3.60
C4' A2M A 6 -2.71 -9.11 -2.11
O4' A2M A 6 -1.59 -8.25 -1.81
C3' A2M A 6 -3.96 -8.27 -1.76
O3' A2M A 6 -5.11 -9.10 -1.49
C2' A2M A 6 -3.47 -7.63 -0.45
O2' A2M A 6 -3.20 -8.69 0.51
C1' A2M A 6 -2.18 -7.17 -1.11
CM' A2M A 6 -3.15 -8.30 1.89
N9 A2M A 6 -1.66 -5.77 -1.17
C8 A2M A 6 -1.26 -4.99 -2.24
N7 A2M A 6 -0.82 -3.77 -1.85
C5 A2M A 6 -0.96 -3.77 -0.50
C6 A2M A 6 -0.67 -2.81 0.48
N6 A2M A 6 -0.17 -1.62 0.20
N1 A2M A 6 -0.94 -3.13 1.77
C2 A2M A 6 -1.44 -4.34 2.05
N3 A2M A 6 -1.73 -5.31 1.22
C4 A2M A 6 -1.46 -4.96 -0.06
H5' A2M A 6 -1.75 -10.19 -3.68
H5'' A2M A 6 -3.48 -9.95 -3.94
H4' A2M A 6 -2.68 -10.01 -1.50
H3' A2M A 6 -4.16 -7.50 -2.52
H2' A2M A 6 -4.13 -6.83 -0.09
H1' A2M A 6 -1.59 -7.40 -0.23
HM'1 A2M A 6 -2.82 -9.15 2.49
HM'2 A2M A 6 -2.46 -7.47 2.03
HM'3 A2M A 6 -4.15 -8.01 2.23
H8 A2M A 6 -1.26 -5.21 -3.31
OP2 A2M A 6 -0.64 -6.63 -5.27
H61 A2M A 6 0.14 -1.01 0.95
H62 A2M A 6 -0.09 -1.33 -0.77
H2 A2M A 6 -1.65 -4.56 3.10
P A2M B 4 -3.31 12.18 -5.33
OP1 A2M B 4 -3.43 13.63 -5.03
O5' A2M B 4 -3.58 11.36 -3.96
C5' A2M B 4 -4.76 11.66 -3.19
C4' A2M B 4 -5.18 10.60 -2.17
O4' A2M B 4 -5.32 9.32 -2.83
C3' A2M B 4 -4.10 10.29 -1.13
O3' A2M B 4 -3.88 11.38 -0.20
C2' A2M B 4 -4.86 9.13 -0.43
O2' A2M B 4 -6.07 9.61 0.23
C1' A2M B 4 -5.31 8.44 -1.69
CM' A2M B 4 -5.98 10.05 1.58
N9 A2M B 4 -5.60 6.99 -1.68
C8 A2M B 4 -5.17 6.09 -2.58
N7 A2M B 4 -5.60 4.83 -2.37
C5 A2M B 4 -6.34 4.97 -1.24
C6 A2M B 4 -7.07 4.05 -0.48
N6 A2M B 4 -7.16 2.75 -0.78
N1 A2M B 4 -7.72 4.50 0.60
C2 A2M B 4 -7.65 5.78 0.91
N3 A2M B 4 -7.00 6.76 0.27
C4 A2M B 4 -6.35 6.27 -0.81
H5' A2M B 4 -5.59 11.79 -3.88
H5'' A2M B 4 -4.59 12.61 -2.66
H4' A2M B 4 -6.12 10.88 -1.72
H3' A2M B 4 -3.16 10.03 -1.62
H2' A2M B 4 -4.30 8.33 0.06
H1' A2M B 4 -6.38 8.56 -1.60
HM'1 A2M B 4 -6.95 10.42 1.92
HM'2 A2M B 4 -5.67 9.24 2.23
HM'3 A2M B 4 -5.25 10.86 1.64
H8 A2M B 4 -4.52 6.45 -3.38
OP2 A2M B 4 -2.07 11.66 -5.95
H61 A2M B 4 -7.82 2.17 -0.27
H62 A2M B 4 -6.60 2.36 -1.52
H2 A2M B 4 -8.20 6.09 1.80
P A2M B 5 -2.39 11.69 0.38
OP1 A2M B 5 -2.45 13.00 1.06
O5' A2M B 5 -2.11 10.55 1.50
C5' A2M B 5 -2.74 10.61 2.79
C4' A2M B 5 -3.09 9.24 3.41
O4' A2M B 5 -3.67 8.42 2.37
C3' A2M B 5 -1.89 8.41 3.88
O3' A2M B 5 -1.33 8.92 5.11
C2' A2M B 5 -2.64 7.09 4.11
O2' A2M B 5 -3.61 7.17 5.18
C1' A2M B 5 -3.29 7.10 2.75
CM' A2M B 5 -3.95 5.90 5.80
N9 A2M B 5 -3.35 5.86 1.95
C8 A2M B 5 -2.54 5.49 0.93
N7 A2M B 5 -2.85 4.27 0.42
C5 A2M B 5 -3.91 3.87 1.17
C6 A2M B 5 -4.70 2.72 1.17
N6 A2M B 5 -4.53 1.71 0.32
N1 A2M B 5 -5.68 2.64 2.07
C2 A2M B 5 -5.89 3.64 2.92
N3 A2M B 5 -5.21 4.77 3.03
C4 A2M B 5 -4.23 4.82 2.11
H5' A2M B 5 -3.68 11.16 2.69
H5'' A2M B 5 -2.11 11.15 3.49
H4' A2M B 5 -3.80 9.39 4.23
H3' A2M B 5 -1.13 8.25 3.10
H2' A2M B 5 -1.91 6.28 4.19
H1' A2M B 5 -4.32 6.98 3.07
HM'1 A2M B 5 -4.48 6.07 6.73
HM'2 A2M B 5 -4.58 5.30 5.14
HM'3 A2M B 5 -3.05 5.31 6.00
H8 A2M B 5 -1.72 6.11 0.57
OP2 A2M B 5 -1.42 11.50 -0.72
H61 A2M B 5 -5.23 0.97 0.31
H62 A2M B 5 -3.72 1.68 -0.29
H2 A2M B 5 -6.69 3.52 3.64
P A2M B 6 0.27 9.03 5.40
OP1 A2M B 6 0.48 10.18 6.31
O5' A2M B 6 0.66 7.68 6.22
C5' A2M B 6 -0.07 7.29 7.40
C4' A2M B 6 -0.64 5.87 7.35
O4' A2M B 6 -1.04 5.65 6.00
C3' A2M B 6 0.36 4.72 7.56
O3' A2M B 6 0.70 4.56 8.95
C2' A2M B 6 -0.55 3.55 7.09
O2' A2M B 6 -1.73 3.52 7.96
C1' A2M B 6 -0.84 4.26 5.77
CM' A2M B 6 -2.54 2.33 7.92
N9 A2M B 6 -0.80 3.65 4.41
C8 A2M B 6 -0.20 4.08 3.23
N7 A2M B 6 -0.41 3.23 2.21
C5 A2M B 6 -1.17 2.24 2.74
C6 A2M B 6 -1.72 1.07 2.20
N6 A2M B 6 -1.57 0.74 0.92
N1 A2M B 6 -2.44 0.27 3.00
C2 A2M B 6 -2.60 0.62 4.29
N3 A2M B 6 -2.13 1.69 4.90
C4 A2M B 6 -1.42 2.47 4.07
H5' A2M B 6 -0.94 7.95 7.49
H5'' A2M B 6 0.54 7.42 8.30
H4' A2M B 6 -1.48 5.80 8.03
H3' A2M B 6 1.23 4.84 6.91
H2' A2M B 6 -0.01 2.61 7.00
H1' A2M B 6 -1.92 4.09 5.88
HM'1 A2M B 6 -3.45 2.51 8.50
HM'2 A2M B 6 -2.82 2.08 6.90
HM'3 A2M B 6 -2.00 1.49 8.37
H8 A2M B 6 0.42 4.96 3.05
OP2 A2M B 6 0.97 8.98 4.10
H61 A2M B 6 -2.07 -0.04 0.52
H62 A2M B 6 -0.94 1.29 0.36
H2 A2M B 6 -3.16 -0.04 4.95
P A2M A 4 8.83 -7.43 -8.45
OP1 A2M A 4 8.97 -8.80 -9.00
O5' A2M A 4 8.03 -7.54 -7.03
C5' A2M A 4 8.45 -8.50 -6.06
C4' A2M A 4 7.99 -8.24 -4.61
O4' A2M A 4 8.37 -6.90 -4.23
C3' A2M A 4 6.48 -8.20 -4.42
O3' A2M A 4 5.86 -9.49 -4.56
C2' A2M A 4 6.50 -7.77 -2.92
O2' A2M A 4 7.09 -8.80 -2.07
C1' A2M A 4 7.55 -6.70 -3.07
CM' A2M A 4 6.25 -9.85 -1.57
N9 A2M A 4 7.63 -5.56 -2.13
C8 A2M A 4 7.74 -4.27 -2.44
N7 A2M A 4 7.84 -3.43 -1.40
C5 A2M A 4 7.77 -4.28 -0.34
C6 A2M A 4 7.80 -4.05 1.04
N6 A2M A 4 7.94 -2.84 1.57
N1 A2M A 4 7.70 -5.12 1.85
C2 A2M A 4 7.58 -6.33 1.31
N3 A2M A 4 7.54 -6.67 0.03
C4 A2M A 4 7.64 -5.57 -0.76
H5' A2M A 4 9.53 -8.53 -6.05
H5'' A2M A 4 8.07 -9.49 -6.36
H4' A2M A 4 8.49 -8.93 -3.93
H3' A2M A 4 6.03 -7.48 -5.12
H2' A2M A 4 5.68 -7.19 -2.51
H1' A2M A 4 8.35 -7.13 -2.45
HM'1 A2M A 4 6.85 -10.56 -1.01
HM'2 A2M A 4 5.48 -9.43 -0.93
HM'3 A2M A 4 5.77 -10.35 -2.41
H8 A2M A 4 7.73 -4.00 -3.50
OP2 A2M A 4 8.20 -6.37 -9.26
H61 A2M A 4 8.06 -2.73 2.57
H62 A2M A 4 7.92 -2.03 0.97
H2 A2M A 4 7.49 -7.16 2.01
P A2M A 5 4.37 -9.66 -5.22
OP1 A2M A 5 4.17 -11.11 -5.47
O5' A2M A 5 3.33 -9.20 -4.06
C5' A2M A 5 3.04 -10.05 -2.93
C4' A2M A 5 2.78 -9.28 -1.61
O4' A2M A 5 3.79 -8.26 -1.49
C3' A2M A 5 1.46 -8.49 -1.58
O3' A2M A 5 0.32 -9.36 -1.37
C2' A2M A 5 1.74 -7.66 -0.30
O2' A2M A 5 1.84 -8.49 0.89
C1' A2M A 5 3.12 -7.24 -0.77
CM' A2M A 5 1.55 -7.79 2.12
N9 A2M A 5 3.54 -5.84 -0.56
C8 A2M A 5 3.49 -4.80 -1.43
N7 A2M A 5 3.94 -3.64 -0.90
C5 A2M A 5 4.28 -3.98 0.37
C6 A2M A 5 4.81 -3.26 1.44
N6 A2M A 5 5.09 -1.96 1.36
N1 A2M A 5 5.04 -3.92 2.59
C2 A2M A 5 4.76 -5.21 2.67
N3 A2M A 5 4.27 -5.99 1.74
C4 A2M A 5 4.05 -5.31 0.59
H5' A2M A 5 3.89 -10.69 -2.76
H5'' A2M A 5 2.18 -10.67 -3.15
H4' A2M A 5 2.83 -9.98 -0.77
H3' A2M A 5 1.35 -7.82 -2.43
H2' A2M A 5 1.09 -6.79 -0.22
H1' A2M A 5 3.68 -7.57 0.09
HM'1 A2M A 5 1.59 -8.49 2.95
HM'2 A2M A 5 2.26 -6.99 2.30
HM'3 A2M A 5 0.55 -7.37 2.08
H8 A2M A 5 3.12 -4.90 -2.44
OP2 A2M A 5 4.26 -8.72 -6.34
H61 A2M A 5 5.49 -1.51 2.17
H62 A2M A 5 4.91 -1.45 0.52
H2 A2M A 5 4.96 -5.70 3.62
P A2M A 6 -0.97 -9.40 -2.36
OP1 A2M A 6 -1.04 -10.76 -2.95
O5' A2M A 6 -2.27 -9.20 -1.41
C5' A2M A 6 -2.37 -9.87 -0.14
C4' A2M A 6 -2.24 -8.91 1.05
O4' A2M A 6 -1.17 -8.00 0.73
C3' A2M A 6 -3.45 -7.98 1.28
O3' A2M A 6 -4.50 -8.63 2.02
C2' A2M A 6 -2.76 -6.92 2.18
O2' A2M A 6 -2.27 -7.59 3.38
C1' A2M A 6 -1.64 -6.73 1.17
CM' A2M A 6 -1.95 -6.75 4.50
N9 A2M A 6 -1.20 -5.43 0.60
C8 A2M A 6 -1.01 -5.04 -0.73
N7 A2M A 6 -0.57 -3.76 -0.82
C5 A2M A 6 -0.47 -3.34 0.46
C6 A2M A 6 -0.07 -2.12 1.03
N6 A2M A 6 0.34 -1.09 0.30
N1 A2M A 6 -0.08 -2.02 2.37
C2 A2M A 6 -0.48 -3.06 3.11
N3 A2M A 6 -0.86 -4.24 2.69
C4 A2M A 6 -0.85 -4.32 1.33
H5' A2M A 6 -1.56 -10.59 -0.05
H5'' A2M A 6 -3.31 -10.42 -0.07
H4' A2M A 6 -2.00 -9.48 1.96
H3' A2M A 6 -3.80 -7.54 0.35
H2' A2M A 6 -3.39 -6.05 2.36
H1' A2M A 6 -0.88 -6.71 1.95
HM'1 A2M A 6 -1.43 -7.34 5.26
HM'2 A2M A 6 -1.29 -5.94 4.19
HM'3 A2M A 6 -2.85 -6.34 4.93
H8 A2M A 6 -1.19 -5.59 -1.65
OP2 A2M A 6 -0.89 -8.22 -3.26
H61 A2M A 6 0.75 -0.27 0.75
H62 A2M A 6 0.23 -1.12 -0.71
H2 A2M A 6 -0.49 -2.94 4.18
P A2M B 4 -5.09 10.49 -8.51
OP1 A2M B 4 -5.24 11.95 -8.62
O5' A2M B 4 -4.98 10.11 -6.93
C5' A2M B 4 -5.95 10.66 -6.02
C4' A2M B 4 -6.06 9.94 -4.67
O4' A2M B 4 -6.34 8.54 -4.88
C3' A2M B 4 -4.74 9.89 -3.90
O3' A2M B 4 -4.33 11.20 -3.40
C2' A2M B 4 -5.26 9.02 -2.72
O2' A2M B 4 -6.29 9.70 -1.95
C1' A2M B 4 -5.98 8.01 -3.59
CM' A2M B 4 -5.88 10.57 -0.89
N9 A2M B 4 -6.18 6.63 -3.10
C8 A2M B 4 -5.91 5.50 -3.76
N7 A2M B 4 -6.22 4.37 -3.09
C5 A2M B 4 -6.71 4.84 -1.93
C6 A2M B 4 -7.22 4.19 -0.79
N6 A2M B 4 -7.30 2.87 -0.67
N1 A2M B 4 -7.64 4.96 0.21
C2 A2M B 4 -7.58 6.29 0.12
N3 A2M B 4 -7.14 7.00 -0.90
C4 A2M B 4 -6.71 6.21 -1.90
H5' A2M B 4 -6.93 10.59 -6.49
H5'' A2M B 4 -5.69 11.70 -5.84
H4' A2M B 4 -6.87 10.37 -4.09
H3' A2M B 4 -3.95 9.46 -4.51
H2' A2M B 4 -4.55 8.38 -2.20
H1' A2M B 4 -7.01 8.19 -3.25
HM'1 A2M B 4 -6.76 11.03 -0.44
HM'2 A2M B 4 -5.35 10.01 -0.12
HM'3 A2M B 4 -5.23 11.35 -1.30
H8 A2M B 4 -5.46 5.59 -4.75
OP2 A2M B 4 -3.99 9.80 -9.22
H61 A2M B 4 -7.80 2.48 0.11
H62 A2M B 4 -6.87 2.27 -1.36
H2 A2M B 4 -7.93 6.86 0.98
P A2M B 5 -2.75 11.59 -3.32
OP1 A2M B 5 -2.67 13.04 -3.05
O5' A2M B 5 -2.18 10.81 -2.00
C5' A2M B 5 -2.48 11.28 -0.67
C4' A2M B 5 -2.64 10.16 0.38
O4' A2M B 5 -3.42 9.10 -0.21
C3' A2M B 5 -1.34 9.45 0.78
O3' A2M B 5 -0.54 10.29 1.66
C2' A2M B 5 -1.97 8.29 1.55
O2' A2M B 5 -2.69 8.72 2.74
C1' A2M B 5 -2.93 7.93 0.43
CM' A2M B 5 -2.82 7.70 3.76
N9 A2M B 5 -3.11 6.52 0.07
C8 A2M B 5 -2.55 5.84 -0.96
N7 A2M B 5 -2.91 4.53 -1.00
C5 A2M B 5 -3.75 4.41 0.06
C6 A2M B 5 -4.47 3.32 0.57
N6 A2M B 5 -4.45 2.11 0.04
N1 A2M B 5 -5.23 3.54 1.66
C2 A2M B 5 -5.27 4.76 2.20
N3 A2M B 5 -4.64 5.84 1.81
C4 A2M B 5 -3.89 5.60 0.72
H5' A2M B 5 -3.43 11.82 -0.70
H5'' A2M B 5 -1.71 11.97 -0.34
H4' A2M B 5 -3.15 10.57 1.25
H3' A2M B 5 -0.77 9.05 -0.06
H2' A2M B 5 -1.25 7.49 1.71
H1' A2M B 5 -3.85 7.93 1.00
HM'1 A2M B 5 -3.21 8.15 4.68
HM'2 A2M B 5 -3.51 6.91 3.45
HM'3 A2M B 5 -1.87 7.23 3.98
H8 A2M B 5 -1.86 6.30 -1.66
OP2 A2M B 5 -2.06 11.04 -4.50
H61 A2M B 5 -5.09 1.42 0.40
H62 A2M B 5 -3.82 1.88 -0.71
H2 A2M B 5 -5.89 4.87 3.08
P A2M B 6 1.08 10.48 1.49
OP1 A2M B 6 1.39 11.90 1.80
O5' A2M B 6 1.75 9.55 2.64
C5' A2M B 6 1.31 9.64 4.01
C4' A2M B 6 0.81 8.30 4.57
O4' A2M B 6 0.11 7.65 3.50
C3' A2M B 6 1.88 7.26 4.94
O3' A2M B 6 2.50 7.56 6.21
C2' A2M B 6 0.95 6.02 5.08
O2' A2M B 6 -0.03 6.30 6.13
C1' A2M B 6 0.36 6.26 3.69
CM' A2M B 6 -0.76 5.18 6.64
N9 A2M B 6 0.18 5.24 2.62
C8 A2M B 6 0.53 5.27 1.27
N7 A2M B 6 0.17 4.13 0.63
C5 A2M B 6 -0.42 3.38 1.58
C6 A2M B 6 -1.00 2.10 1.56
N6 A2M B 6 -1.07 1.38 0.45
N1 A2M B 6 -1.51 1.61 2.70
C2 A2M B 6 -1.45 2.35 3.81
N3 A2M B 6 -0.92 3.56 3.95
C4 A2M B 6 -0.42 4.02 2.79
H5' A2M B 6 0.46 10.32 4.05
H5'' A2M B 6 2.09 10.04 4.65
H4' A2M B 6 0.14 8.49 5.41
H3' A2M B 6 2.60 7.13 4.12
H2' A2M B 6 1.50 5.09 5.19
H1' A2M B 6 -0.66 6.13 4.07
HM'1 A2M B 6 -1.54 5.55 7.31
HM'2 A2M B 6 -1.23 4.61 5.84
HM'3 A2M B 6 -0.10 4.54 7.22
H8 A2M B 6 1.06 6.03 0.71
OP2 A2M B 6 1.47 9.92 0.18
H61 A2M B 6 -1.59 0.51 0.42
H62 A2M B 6 -0.60 1.71 -0.37
H2 A2M B 6 -1.84 1.95 4.74
P A2M A 4 9.29 -5.68 -8.61
OP1 A2M A 4 9.52 -6.84 -9.50
O5' A2M A 4 8.48 -6.17 -7.30
C5' A2M A 4 8.94 -7.33 -6.57
C4' A2M A 4 8.39 -7.48 -5.14
O4' A2M A 4 8.64 -6.29 -4.38
C3' A2M A 4 6.87 -7.58 -5.08
O3' A2M A 4 6.38 -8.82 -5.64
C2' A2M A 4 6.74 -7.59 -3.54
O2' A2M A 4 7.31 -8.79 -2.96
C1' A2M A 4 7.72 -6.47 -3.27
CM' A2M A 4 6.44 -9.92 -2.77
N9 A2M A 4 7.63 -5.65 -2.06
C8 A2M A 4 7.77 -4.33 -1.98
N7 A2M A 4 7.68 -3.80 -0.75
C5 A2M A 4 7.45 -4.90 0.02
C6 A2M A 4 7.27 -5.06 1.39
N6 A2M A 4 7.30 -4.03 2.24
N1 A2M A 4 7.07 -6.29 1.85
C2 A2M A 4 7.05 -7.31 1.00
N3 A2M A 4 7.22 -7.29 -0.31
C4 A2M A 4 7.42 -6.04 -0.75
H5' A2M A 4 10.03 -7.27 -6.50
H5'' A2M A 4 8.66 -8.22 -7.14
H4' A2M A 4 8.88 -8.33 -4.65
H3' A2M A 4 6.43 -6.72 -5.60
H2' A2M A 4 5.85 -7.16 -3.07
H1' A2M A 4 8.48 -7.02 -2.72
HM'1 A2M A 4 7.00 -10.75 -2.37
HM'2 A2M A 4 5.63 -9.65 -2.08
HM'3 A2M A 4 6.01 -10.19 -3.73
H8 A2M A 4 7.94 -3.81 -2.93
OP2 A2M A 4 8.61 -4.47 -9.14
H61 A2M A 4 7.24 -4.20 3.25
H62 A2M A 4 7.38 -3.09 1.90
H2 A2M A 4 6.87 -8.29 1.44
P A2M A 5 5.02 -8.84 -6.53
OP1 A2M A 5 4.91 -10.18 -7.14
O5' A2M A 5 3.82 -8.67 -5.44
C5' A2M A 5 3.40 -9.79 -4.62
C4' A2M A 5 2.92 -9.40 -3.22
O4' A2M A 5 3.87 -8.48 -2.64
C3' A2M A 5 1.61 -8.59 -3.21
O3' A2M A 5 0.46 -9.41 -3.47
C2' A2M A 5 1.64 -8.17 -1.71
O2' A2M A 5 1.54 -9.31 -0.82
C1' A2M A 5 3.06 -7.66 -1.80
CM' A2M A 5 1.00 -8.97 0.48
N9 A2M A 5 3.40 -6.40 -1.12
C8 A2M A 5 3.46 -5.15 -1.67
N7 A2M A 5 3.77 -4.19 -0.77
C5 A2M A 5 3.89 -4.89 0.39
C6 A2M A 5 4.20 -4.50 1.70
N6 A2M A 5 4.43 -3.24 2.04
N1 A2M A 5 4.24 -5.45 2.65
C2 A2M A 5 4.00 -6.72 2.31
N3 A2M A 5 3.71 -7.20 1.12
C4 A2M A 5 3.67 -6.23 0.20
H5' A2M A 5 4.25 -10.47 -4.49
H5'' A2M A 5 2.61 -10.33 -5.13
H4' A2M A 5 2.83 -10.29 -2.60
H3' A2M A 5 1.68 -7.71 -3.85
H2' A2M A 5 0.98 -7.34 -1.49
H1' A2M A 5 3.47 -8.24 -0.97
HM'1 A2M A 5 0.92 -9.88 1.08
HM'2 A2M A 5 1.65 -8.27 1.01
HM'3 A2M A 5 0.00 -8.55 0.37
H8 A2M A 5 3.27 -4.94 -2.72
OP2 A2M A 5 5.01 -7.63 -7.39
H61 A2M A 5 4.66 -3.03 3.01
H62 A2M A 5 4.38 -2.50 1.34
H2 A2M A 5 4.03 -7.47 3.10
P A2M A 6 -0.59 -9.09 -4.67
OP1 A2M A 6 -0.48 -10.16 -5.69
O5' A2M A 6 -2.07 -9.20 -4.01
C5' A2M A 6 -2.40 -10.26 -3.09
C4' A2M A 6 -2.55 -9.75 -1.66
O4' A2M A 6 -1.44 -8.86 -1.43
C3' A2M A 6 -3.80 -8.87 -1.41
O3' A2M A 6 -4.97 -9.67 -1.14
C2' A2M A 6 -3.34 -8.15 -0.12
O2' A2M A 6 -3.11 -9.17 0.91
C1' A2M A 6 -2.03 -7.74 -0.77
CM' A2M A 6 -3.05 -8.70 2.27
N9 A2M A 6 -1.48 -6.36 -0.85
C8 A2M A 6 -1.03 -5.62 -1.94
N7 A2M A 6 -0.56 -4.40 -1.58
C5 A2M A 6 -0.72 -4.37 -0.23
C6 A2M A 6 -0.43 -3.39 0.73
N6 A2M A 6 0.11 -2.22 0.42
N1 A2M A 6 -0.71 -3.67 2.02
C2 A2M A 6 -1.25 -4.84 2.33
N3 A2M A 6 -1.56 -5.84 1.52
C4 A2M A 6 -1.27 -5.53 0.23
H5' A2M A 6 -1.60 -10.99 -3.09
H5'' A2M A 6 -3.32 -10.76 -3.41
H4' A2M A 6 -2.53 -10.58 -0.97
H3' A2M A 6 -3.97 -8.15 -2.21
H2' A2M A 6 -4.00 -7.34 0.18
H1' A2M A 6 -1.46 -7.97 0.12
HM'1 A2M A 6 -2.74 -9.51 2.92
HM'2 A2M A 6 -2.34 -7.88 2.36
HM'3 A2M A 6 -4.04 -8.36 2.58
H8 A2M A 6 -1.05 -5.87 -3.00
OP2 A2M A 6 -0.40 -7.68 -5.07
H61 A2M A 6 0.44 -1.60 1.15
H62 A2M A 6 0.21 -1.96 -0.55
H2 A2M A 6 -1.47 -5.04 3.38
P A2M B 4 -2.26 12.05 -5.22
OP1 A2M B 4 -2.19 13.47 -4.80
O5' A2M B 4 -2.79 11.16 -3.97
C5' A2M B 4 -4.02 11.53 -3.31
C4' A2M B 4 -4.65 10.44 -2.42
O4' A2M B 4 -4.82 9.23 -3.17
C3' A2M B 4 -3.72 9.98 -1.29
O3' A2M B 4 -3.55 11.00 -0.28
C2' A2M B 4 -4.63 8.85 -0.76
O2' A2M B 4 -5.85 9.38 -0.17
C1' A2M B 4 -5.00 8.28 -2.10
CM' A2M B 4 -5.86 9.60 1.24
N9 A2M B 4 -5.41 6.87 -2.23
C8 A2M B 4 -5.06 6.03 -3.21
N7 A2M B 4 -5.58 4.80 -3.13
C5 A2M B 4 -6.34 4.87 -2.00
C6 A2M B 4 -7.13 3.94 -1.34
N6 A2M B 4 -7.33 2.69 -1.77
N1 A2M B 4 -7.75 4.33 -0.21
C2 A2M B 4 -7.58 5.57 0.23
N3 A2M B 4 -6.84 6.54 -0.30
C4 A2M B 4 -6.24 6.12 -1.43
H5' A2M B 4 -4.75 11.77 -4.07
H5'' A2M B 4 -3.82 12.41 -2.69
H4' A2M B 4 -5.61 10.79 -2.05
H3' A2M B 4 -2.76 9.67 -1.70
H2' A2M B 4 -4.18 7.96 -0.30
H1' A2M B 4 -6.07 8.48 -2.09
HM'1 A2M B 4 -6.80 10.03 1.55
HM'2 A2M B 4 -5.71 8.65 1.77
HM'3 A2M B 4 -5.05 10.28 1.50
H8 A2M B 4 -4.38 6.45 -3.96
OP2 A2M B 4 -1.05 11.39 -5.78
H61 A2M B 4 -8.00 2.09 -1.31
H62 A2M B 4 -6.81 2.36 -2.57
H2 A2M B 4 -8.10 5.83 1.15
P A2M B 5 -2.09 11.27 0.39
OP1 A2M B 5 -2.19 12.55 1.14
O5' A2M B 5 -1.89 10.06 1.45
C5' A2M B 5 -2.59 10.05 2.71
C4' A2M B 5 -3.00 8.66 3.21
O4' A2M B 5 -3.60 7.95 2.11
C3' A2M B 5 -1.82 7.75 3.62
O3' A2M B 5 -1.27 8.16 4.89
C2' A2M B 5 -2.62 6.44 3.75
O2' A2M B 5 -3.59 6.47 4.84
C1' A2M B 5 -3.28 6.59 2.40
CM' A2M B 5 -3.93 5.15 5.34
N9 A2M B 5 -3.43 5.41 1.53
C8 A2M B 5 -2.64 5.02 0.51
N7 A2M B 5 -3.05 3.87 -0.08
C5 A2M B 5 -4.16 3.53 0.64
C6 A2M B 5 -5.04 2.46 0.56
N6 A2M B 5 -4.94 1.49 -0.34
N1 A2M B 5 -6.06 2.42 1.43
C2 A2M B 5 -6.19 3.40 2.33
N3 A2M B 5 -5.41 4.44 2.51
C4 A2M B 5 -4.40 4.46 1.62
H5' A2M B 5 -3.51 10.64 2.60
H5'' A2M B 5 -1.98 10.54 3.47
H4' A2M B 5 -3.70 8.76 4.04
H3' A2M B 5 -1.08 7.62 2.84
H2' A2M B 5 -1.96 5.58 3.76
H1' A2M B 5 -4.32 6.50 2.75
HM'1 A2M B 5 -4.56 5.25 6.22
HM'2 A2M B 5 -4.48 4.57 4.59
HM'3 A2M B 5 -3.03 4.60 5.63
H8 A2M B 5 -1.76 5.58 0.21
OP2 A2M B 5 -1.07 11.13 -0.67
H61 A2M B 5 -5.65 0.76 -0.36
H62 A2M B 5 -4.16 1.47 -0.98
H2 A2M B 5 -7.01 3.33 3.03
P A2M B 6 0.32 8.41 5.14
OP1 A2M B 6 0.46 9.72 5.84
O5' A2M B 6 0.79 7.23 6.15
C5' A2M B 6 0.02 6.94 7.32
C4' A2M B 6 -0.57 5.51 7.31
O4' A2M B 6 -0.99 5.24 5.97
C3' A2M B 6 0.46 4.39 7.58
O3' A2M B 6 0.76 4.28 8.98
C2' A2M B 6 -0.41 3.19 7.13
O2' A2M B 6 -1.61 3.15 7.98
C1' A2M B 6 -0.71 3.85 5.79
CM' A2M B 6 -2.38 1.94 7.95
N9 A2M B 6 -0.59 3.19 4.45
C8 A2M B 6 0.04 3.62 3.29
N7 A2M B 6 -0.11 2.73 2.28
C5 A2M B 6 -0.85 1.73 2.82
C6 A2M B 6 -1.34 0.52 2.29
N6 A2M B 6 -1.14 0.16 1.02
N1 A2M B 6 -2.07 -0.28 3.09
C2 A2M B 6 -2.28 0.10 4.36
N3 A2M B 6 -1.87 1.20 4.96
C4 A2M B 6 -1.15 1.98 4.12
H5' A2M B 6 -0.84 7.61 7.35
H5'' A2M B 6 0.61 7.09 8.23
H4' A2M B 6 -1.40 5.46 8.01
H3' A2M B 6 1.33 4.49 6.95
H2' A2M B 6 0.13 2.26 7.08
H1' A2M B 6 -1.78 3.63 5.86
HM'1 A2M B 6 -1.82 1.15 8.43
HM'2 A2M B 6 -2.66 1.66 6.93
HM'3 A2M B 6 -3.27 2.10 8.56
H8 A2M B 6 0.64 4.51 3.10
OP2 A2M B 6 1.03 8.20 3.85
H61 A2M B 6 -1.60 -0.65 0.64
H62 A2M B 6 -0.51 0.71 0.46
H2 A2M B 6 -2.85 -0.56 5.01
P A2M A 4 9.22 -7.15 -8.64
OP1 A2M A 4 9.13 -8.49 -9.26
O5' A2M A 4 8.42 -7.17 -7.23
C5' A2M A 4 8.73 -8.18 -6.26
C4' A2M A 4 8.30 -7.88 -4.81
O4' A2M A 4 8.80 -6.61 -4.40
C3' A2M A 4 6.79 -7.69 -4.66
O3' A2M A 4 6.04 -8.92 -4.84
C2' A2M A 4 6.81 -7.29 -3.16
O2' A2M A 4 7.27 -8.40 -2.31
C1' A2M A 4 7.97 -6.33 -3.27
CM' A2M A 4 6.30 -9.30 -1.78
N9 A2M A 4 8.10 -5.21 -2.30
C8 A2M A 4 8.39 -3.95 -2.61
N7 A2M A 4 8.48 -3.11 -1.55
C5 A2M A 4 8.24 -3.95 -0.50
C6 A2M A 4 8.19 -3.73 0.88
N6 A2M A 4 8.41 -2.53 1.43
N1 A2M A 4 7.92 -4.78 1.66
C2 A2M A 4 7.71 -5.97 1.12
N3 A2M A 4 7.73 -6.30 -0.17
C4 A2M A 4 8.00 -5.23 -0.93
H5' A2M A 4 9.81 -8.30 -6.23
H5'' A2M A 4 8.28 -9.12 -6.58
H4' A2M A 4 8.69 -8.65 -4.15
H3' A2M A 4 6.43 -6.93 -5.35
H2' A2M A 4 6.04 -6.63 -2.77
H1' A2M A 4 8.70 -6.84 -2.62
HM'1 A2M A 4 6.79 -10.08 -1.21
HM'2 A2M A 4 5.60 -8.76 -1.14
HM'3 A2M A 4 5.74 -9.75 -2.60
H8 A2M A 4 8.49 -3.70 -3.66
OP2 A2M A 4 8.78 -5.95 -9.41
H61 A2M A 4 8.39 -2.44 2.44
H62 A2M A 4 8.59 -1.74 0.84
H2 A2M A 4 7.49 -6.78 1.81
P A2M A 5 4.58 -8.91 -5.55
OP1 A2M A 5 4.21 -10.32 -5.84
O5' A2M A 5 3.56 -8.35 -4.42
C5' A2M A 5 3.15 -9.17 -3.31
C4' A2M A 5 2.90 -8.40 -2.00
O4' A2M A 5 3.99 -7.48 -1.81
C3' A2M A 5 1.66 -7.50 -2.01
O3' A2M A 5 0.46 -8.30 -1.92
C2' A2M A 5 1.93 -6.72 -0.71
O2' A2M A 5 1.88 -7.59 0.46
C1' A2M A 5 3.38 -6.42 -1.09
CM' A2M A 5 1.57 -6.90 1.69
N9 A2M A 5 3.92 -5.08 -0.79
C8 A2M A 5 4.04 -4.02 -1.64
N7 A2M A 5 4.54 -2.92 -1.05
C5 A2M A 5 4.75 -3.32 0.24
C6 A2M A 5 5.24 -2.66 1.37
N6 A2M A 5 5.64 -1.40 1.36
N1 A2M A 5 5.31 -3.35 2.52
C2 A2M A 5 4.92 -4.63 2.54
N3 A2M A 5 4.43 -5.34 1.55
C4 A2M A 5 4.37 -4.63 0.41
H5' A2M A 5 3.94 -9.90 -3.11
H5'' A2M A 5 2.25 -9.72 -3.57
H4' A2M A 5 2.85 -9.11 -1.17
H3' A2M A 5 1.65 -6.81 -2.85
H2' A2M A 5 1.37 -5.80 -0.64
H1' A2M A 5 3.85 -6.83 -0.20
HM'1 A2M A 5 1.58 -7.62 2.51
HM'2 A2M A 5 2.30 -6.11 1.90
HM'3 A2M A 5 0.58 -6.46 1.63
H8 A2M A 5 3.73 -4.08 -2.69
OP2 A2M A 5 4.61 -7.93 -6.66
H61 A2M A 5 5.91 -0.96 2.23
H62 A2M A 5 5.67 -0.88 0.49
H2 A2M A 5 4.98 -5.15 3.49
P A2M A 6 -0.77 -8.19 -2.97
OP1 A2M A 6 -0.79 -9.43 -3.78
O5' A2M A 6 -2.11 -8.18 -2.05
C5' A2M A 6 -2.24 -9.03 -0.90
C4' A2M A 6 -2.19 -8.23 0.41
O4' A2M A 6 -1.11 -7.30 0.26
C3' A2M A 6 -3.44 -7.36 0.67
O3' A2M A 6 -4.49 -8.12 1.30
C2' A2M A 6 -2.83 -6.38 1.69
O2' A2M A 6 -2.37 -7.12 2.86
C1' A2M A 6 -1.66 -6.08 0.75
CM' A2M A 6 -2.16 -6.35 4.05
N9 A2M A 6 -1.24 -4.73 0.29
C8 A2M A 6 -0.98 -4.25 -0.99
N7 A2M A 6 -0.59 -2.95 -0.98
C5 A2M A 6 -0.61 -2.60 0.33
C6 A2M A 6 -0.31 -1.40 0.99
N6 A2M A 6 0.09 -0.30 0.36
N1 A2M A 6 -0.44 -1.37 2.32
C2 A2M A 6 -0.83 -2.47 2.97
N3 A2M A 6 -1.13 -3.66 2.46
C4 A2M A 6 -1.00 -3.66 1.12
H5' A2M A 6 -1.40 -9.74 -0.88
H5'' A2M A 6 -3.16 -9.61 -0.94
H4' A2M A 6 -2.02 -8.91 1.25
H3' A2M A 6 -3.76 -6.84 -0.23
H2' A2M A 6 -3.48 -5.53 1.90
H1' A2M A 6 -0.95 -6.06 1.58
HM'1 A2M A 6 -1.73 -7.00 4.81
HM'2 A2M A 6 -1.48 -5.52 3.85
HM'3 A2M A 6 -3.11 -5.97 4.42
H8 A2M A 6 -1.06 -4.76 -1.95
OP2 A2M A 6 -0.69 -6.87 -3.64
H61 A2M A 6 0.41 0.50 0.88
H62 A2M A 6 0.06 -0.29 -0.66
H2 A2M A 6 -0.93 -2.43 4.05
P A2M B 4 -4.35 11.17 -7.97
OP1 A2M B 4 -4.48 12.63 -8.09
O5' A2M B 4 -4.48 10.77 -6.40
C5' A2M B 4 -5.56 11.31 -5.62
C4' A2M B 4 -5.86 10.57 -4.30
O4' A2M B 4 -6.09 9.18 -4.55
C3' A2M B 4 -4.67 10.53 -3.34
O3' A2M B 4 -4.35 11.81 -2.77
C2' A2M B 4 -5.34 9.62 -2.26
O2' A2M B 4 -6.47 10.30 -1.64
C1' A2M B 4 -5.93 8.63 -3.24
CM' A2M B 4 -6.23 11.04 -0.43
N9 A2M B 4 -6.21 7.24 -2.81
C8 A2M B 4 -5.87 6.13 -3.46
N7 A2M B 4 -6.27 4.98 -2.88
C5 A2M B 4 -6.89 5.42 -1.76
C6 A2M B 4 -7.53 4.74 -0.72
N6 A2M B 4 -7.64 3.42 -0.67
N1 A2M B 4 -8.07 5.48 0.26
C2 A2M B 4 -7.97 6.80 0.22
N3 A2M B 4 -7.41 7.55 -0.71
C4 A2M B 4 -6.87 6.79 -1.69
H5' A2M B 4 -6.47 11.28 -6.21
H5'' A2M B 4 -5.33 12.35 -5.39
H4' A2M B 4 -6.75 11.01 -3.83
H3' A2M B 4 -3.80 10.11 -3.85
H2' A2M B 4 -4.72 8.97 -1.66
H1' A2M B 4 -7.00 8.80 -3.04
HM'1 A2M B 4 -7.16 11.50 -0.10
HM'2 A2M B 4 -5.84 10.38 0.34
HM'3 A2M B 4 -5.49 11.82 -0.64
H8 A2M B 4 -5.31 6.24 -4.39
OP2 A2M B 4 -3.15 10.49 -8.51
H61 A2M B 4 -8.24 2.99 0.03
H62 A2M B 4 -7.14 2.85 -1.33
H2 A2M B 4 -8.42 7.35 1.05
P A2M B 5 -2.80 12.22 -2.44
OP1 A2M B 5 -2.78 13.67 -2.12
O5' A2M B 5 -2.40 11.39 -1.11
C5' A2M B 5 -2.89 11.78 0.18
C4' A2M B 5 -3.15 10.62 1.16
O4' A2M B 5 -3.84 9.58 0.44
C3' A2M B 5 -1.87 9.92 1.65
O3' A2M B 5 -1.19 10.71 2.65
C2' A2M B 5 -2.55 8.68 2.29
O2' A2M B 5 -3.38 9.01 3.43
C1' A2M B 5 -3.37 8.39 1.07
CM' A2M B 5 -3.54 7.91 4.36
N9 A2M B 5 -3.51 7.00 0.60
C8 A2M B 5 -2.83 6.37 -0.39
N7 A2M B 5 -3.17 5.08 -0.56
C5 A2M B 5 -4.13 4.89 0.40
C6 A2M B 5 -4.89 3.78 0.77
N6 A2M B 5 -4.81 2.59 0.18
N1 A2M B 5 -5.76 3.93 1.77
C2 A2M B 5 -5.86 5.11 2.38
N3 A2M B 5 -5.21 6.22 2.12
C4 A2M B 5 -4.34 6.04 1.11
H5' A2M B 5 -3.83 12.32 0.06
H5'' A2M B 5 -2.18 12.48 0.65
H4' A2M B 5 -3.73 10.98 2.01
H3' A2M B 5 -1.22 9.60 0.84
H2' A2M B 5 -1.83 7.89 2.45
H1' A2M B 5 -4.35 8.35 1.55
HM'1 A2M B 5 -4.02 8.26 5.27
HM'2 A2M B 5 -4.17 7.12 3.93
HM'3 A2M B 5 -2.58 7.48 4.62
H8 A2M B 5 -2.07 6.88 -0.98
OP2 A2M B 5 -1.96 11.73 -3.56
H61 A2M B 5 -5.47 1.87 0.42
H62 A2M B 5 -4.08 2.42 -0.51
H2 A2M B 5 -6.58 5.18 3.19
P A2M B 6 0.41 11.04 2.61
OP1 A2M B 6 0.58 12.45 3.02
O5' A2M B 6 1.09 10.09 3.74
C5' A2M B 6 0.56 10.06 5.09
C4' A2M B 6 0.08 8.67 5.52
O4' A2M B 6 -0.56 8.10 4.37
C3' A2M B 6 1.18 7.64 5.84
O3' A2M B 6 1.73 7.87 7.16
C2' A2M B 6 0.30 6.37 5.85
O2' A2M B 6 -0.72 6.52 6.88
C1' A2M B 6 -0.25 6.70 4.46
CM' A2M B 6 -1.45 5.34 7.26
N9 A2M B 6 -0.33 5.77 3.30
C8 A2M B 6 0.11 5.92 1.98
N7 A2M B 6 -0.18 4.84 1.23
C5 A2M B 6 -0.83 3.99 2.08
C6 A2M B 6 -1.38 2.72 1.90
N6 A2M B 6 -1.37 2.09 0.73
N1 A2M B 6 -1.96 2.13 2.96
C2 A2M B 6 -1.98 2.78 4.13
N3 A2M B 6 -1.49 3.97 4.41
C4 A2M B 6 -0.93 4.53 3.33
H5' A2M B 6 -0.31 10.71 5.12
H5'' A2M B 6 1.29 10.44 5.80
H4' A2M B 6 -0.62 8.78 6.35
H3' A2M B 6 1.94 7.60 5.07
H2' A2M B 6 0.89 5.45 5.91
H1' A2M B 6 -1.27 6.50 4.77
HM'1 A2M B 6 -2.20 5.62 8.00
HM'2 A2M B 6 -1.94 4.89 6.41
HM'3 A2M B 6 -0.76 4.63 7.71
H8 A2M B 6 0.65 6.73 1.51
OP2 A2M B 6 0.93 10.60 1.30
H61 A2M B 6 -1.86 1.22 0.60
H62 A2M B 6 -0.86 2.51 -0.04
H2 A2M B 6 -2.43 2.27 4.99
P A2M A 4 8.89 -7.35 -8.29
OP1 A2M A 4 8.97 -8.73 -8.86
O5' A2M A 4 8.09 -7.43 -6.88
C5' A2M A 4 8.47 -8.41 -5.91
C4' A2M A 4 8.02 -8.14 -4.46
O4' A2M A 4 8.43 -6.83 -4.07
C3' A2M A 4 6.50 -8.06 -4.28
O3' A2M A 4 5.84 -9.34 -4.44
C2' A2M A 4 6.52 -7.65 -2.78
O2' A2M A 4 7.07 -8.70 -1.94
C1' A2M A 4 7.60 -6.60 -2.92
CM' A2M A 4 6.20 -9.72 -1.45
N9 A2M A 4 7.68 -5.46 -1.98
C8 A2M A 4 7.84 -4.18 -2.31
N7 A2M A 4 7.92 -3.32 -1.27
C5 A2M A 4 7.79 -4.16 -0.20
C6 A2M A 4 7.78 -3.92 1.17
N6 A2M A 4 7.93 -2.71 1.70
N1 A2M A 4 7.63 -4.97 1.99
C2 A2M A 4 7.49 -6.18 1.47
N3 A2M A 4 7.48 -6.54 0.20
C4 A2M A 4 7.64 -5.46 -0.61
H5' A2M A 4 9.56 -8.47 -5.89
H5'' A2M A 4 8.07 -9.38 -6.22
H4' A2M A 4 8.48 -8.86 -3.79
H3' A2M A 4 6.07 -7.34 -4.97
H2' A2M A 4 5.70 -7.05 -2.38
H1' A2M A 4 8.38 -7.05 -2.29
HM'1 A2M A 4 6.77 -10.45 -0.88
HM'2 A2M A 4 5.43 -9.29 -0.83
HM'3 A2M A 4 5.75 -10.22 -2.31
H8 A2M A 4 7.89 -3.93 -3.37
OP2 A2M A 4 8.32 -6.26 -9.10
H61 A2M A 4 7.99 -2.59 2.70
H62 A2M A 4 7.99 -1.91 1.09
H2 A2M A 4 7.36 -7.01 2.18
P A2M A 5 4.33 -9.44 -5.06
OP1 A2M A 5 4.06 -10.88 -5.31
O5' A2M A 5 3.34 -8.93 -3.88
C5' A2M A 5 3.00 -9.77 -2.76
C4' A2M A 5 2.74 -9.03 -1.45
O4' A2M A 5 3.78 -8.04 -1.27
C3' A2M A 5 1.45 -8.17 -1.46
O3' A2M A 5 0.28 -9.00 -1.32
C2' A2M A 5 1.71 -7.38 -0.15
O2' A2M A 5 1.73 -8.25 1.02
C1' A2M A 5 3.12 -6.99 -0.57
CM' A2M A 5 1.40 -7.57 2.25
N9 A2M A 5 3.58 -5.62 -0.31
C8 A2M A 5 3.61 -4.57 -1.17
N7 A2M A 5 4.06 -3.43 -0.61
C5 A2M A 5 4.32 -3.79 0.67
C6 A2M A 5 4.81 -3.09 1.78
N6 A2M A 5 5.13 -1.81 1.72
N1 A2M A 5 4.97 -3.76 2.93
C2 A2M A 5 4.65 -5.05 2.98
N3 A2M A 5 4.18 -5.82 2.01
C4 A2M A 5 4.04 -5.12 0.87
H5' A2M A 5 3.83 -10.47 -2.59
H5'' A2M A 5 2.12 -10.37 -3.01
H4' A2M A 5 2.72 -9.73 -0.62
H3' A2M A 5 1.43 -7.50 -2.31
H2' A2M A 5 1.11 -6.48 -0.07
H1' A2M A 5 3.63 -7.36 0.32
HM'1 A2M A 5 1.43 -8.29 3.07
HM'2 A2M A 5 2.10 -6.76 2.46
HM'3 A2M A 5 0.39 -7.17 2.19
H8 A2M A 5 3.27 -4.65 -2.21
OP2 A2M A 5 4.24 -8.48 -6.18
H61 A2M A 5 5.45 -1.34 2.57
H62 A2M A 5 5.03 -1.30 0.85
H2 A2M A 5 4.79 -5.57 3.93
P A2M A 6 -0.96 -8.94 -2.37
OP1 A2M A 6 -0.96 -10.20 -3.15
O5' A2M A 6 -2.31 -8.92 -1.48
C5' A2M A 6 -2.48 -9.77 -0.33
C4' A2M A 6 -2.43 -8.97 0.97
O4' A2M A 6 -1.32 -8.07 0.85
C3' A2M A 6 -3.66 -8.05 1.21
O3' A2M A 6 -4.74 -8.77 1.86
C2' A2M A 6 -3.03 -7.05 2.20
O2' A2M A 6 -2.61 -7.77 3.40
C1' A2M A 6 -1.85 -6.81 1.27
CM' A2M A 6 -2.39 -6.97 4.57
N9 A2M A 6 -1.40 -5.50 0.73
C8 A2M A 6 -1.17 -5.08 -0.57
N7 A2M A 6 -0.71 -3.80 -0.62
C5 A2M A 6 -0.67 -3.40 0.68
C6 A2M A 6 -0.28 -2.20 1.28
N6 A2M A 6 0.15 -1.15 0.58
N1 A2M A 6 -0.35 -2.12 2.62
C2 A2M A 6 -0.76 -3.18 3.31
N3 A2M A 6 -1.15 -4.35 2.86
C4 A2M A 6 -1.08 -4.41 1.51
H5' A2M A 6 -1.66 -10.48 -0.29
H5'' A2M A 6 -3.41 -10.32 -0.39
H4' A2M A 6 -2.29 -9.63 1.82
H3' A2M A 6 -3.99 -7.55 0.30
H2' A2M A 6 -3.67 -6.17 2.39
H1' A2M A 6 -1.14 -6.79 2.09
HM'1 A2M A 6 -2.00 -7.61 5.36
HM'2 A2M A 6 -1.69 -6.17 4.37
HM'3 A2M A 6 -3.35 -6.56 4.90
H8 A2M A 6 -1.30 -5.60 -1.52
OP2 A2M A 6 -0.88 -7.64 -3.09
H61 A2M A 6 0.53 -0.35 1.06
H62 A2M A 6 0.09 -1.17 -0.43
H2 A2M A 6 -0.81 -3.07 4.40
P A2M B 4 -4.50 10.87 -8.28
OP1 A2M B 4 -4.54 12.35 -8.35
O5' A2M B 4 -4.51 10.44 -6.72
C5' A2M B 4 -5.51 10.99 -5.85
C4' A2M B 4 -5.75 10.22 -4.54
O4' A2M B 4 -6.04 8.85 -4.81
C3' A2M B 4 -4.50 10.12 -3.67
O3' A2M B 4 -4.10 11.39 -3.10
C2' A2M B 4 -5.13 9.21 -2.57
O2' A2M B 4 -6.20 9.90 -1.85
C1' A2M B 4 -5.81 8.25 -3.52
CM' A2M B 4 -5.85 10.65 -0.69
N9 A2M B 4 -6.08 6.86 -3.11
C8 A2M B 4 -5.81 5.75 -3.80
N7 A2M B 4 -6.18 4.60 -3.21
C5 A2M B 4 -6.71 5.04 -2.04
C6 A2M B 4 -7.28 4.36 -0.96
N6 A2M B 4 -7.41 3.03 -0.90
N1 A2M B 4 -7.73 5.09 0.07
C2 A2M B 4 -7.61 6.41 0.03
N3 A2M B 4 -7.10 7.17 -0.93
C4 A2M B 4 -6.66 6.40 -1.95
H5' A2M B 4 -6.47 10.99 -6.39
H5'' A2M B 4 -5.23 12.02 -5.61
H4' A2M B 4 -6.60 10.66 -4.01
H3' A2M B 4 -3.68 9.68 -4.24
H2' A2M B 4 -4.49 8.53 -2.02
H1' A2M B 4 -6.84 8.44 -3.27
HM'1 A2M B 4 -6.75 11.13 -0.28
HM'2 A2M B 4 -5.43 9.99 0.08
HM'3 A2M B 4 -5.12 11.41 -0.95
H8 A2M B 4 -5.33 5.89 -4.77
OP2 A2M B 4 -3.40 10.13 -8.96
H61 A2M B 4 -7.95 2.62 -0.15
H62 A2M B 4 -6.98 2.45 -1.60
H2 A2M B 4 -7.99 6.94 0.91
P A2M B 5 -2.52 11.75 -2.90
OP1 A2M B 5 -2.43 13.19 -2.60
O5' A2M B 5 -2.05 10.93 -1.57
C5' A2M B 5 -2.47 11.34 -0.25
C4' A2M B 5 -2.71 10.19 0.74
O4' A2M B 5 -3.45 9.16 0.06
C3' A2M B 5 -1.44 9.47 1.22
O3' A2M B 5 -0.72 10.28 2.19
C2' A2M B 5 -2.14 8.28 1.91
O2' A2M B 5 -2.94 8.67 3.05
C1' A2M B 5 -3.01 7.97 0.70
CM' A2M B 5 -3.14 7.62 4.03
N9 A2M B 5 -3.18 6.57 0.27
C8 A2M B 5 -2.56 5.92 -0.74
N7 A2M B 5 -2.93 4.63 -0.87
C5 A2M B 5 -3.83 4.47 0.14
C6 A2M B 5 -4.59 3.37 0.56
N6 A2M B 5 -4.56 2.18 0.00
N1 A2M B 5 -5.41 3.56 1.62
C2 A2M B 5 -5.47 4.74 2.21
N3 A2M B 5 -4.81 5.84 1.89
C4 A2M B 5 -4.00 5.63 0.85
H5' A2M B 5 -3.40 11.89 -0.35
H5'' A2M B 5 -1.73 12.02 0.17
H4' A2M B 5 -3.28 10.57 1.59
H3' A2M B 5 -0.82 9.09 0.42
H2' A2M B 5 -1.43 7.48 2.08
H1' A2M B 5 -3.96 7.97 1.21
HM'1 A2M B 5 -3.59 8.02 4.93
HM'2 A2M B 5 -3.81 6.84 3.64
HM'3 A2M B 5 -2.20 7.14 4.29
H8 A2M B 5 -1.83 6.42 -1.37
OP2 A2M B 5 -1.77 11.21 -4.05
H61 A2M B 5 -5.23 1.48 0.31
H62 A2M B 5 -3.89 1.98 -0.73
H2 A2M B 5 -6.14 4.83 3.05
P A2M B 6 0.89 10.47 2.16
OP1 A2M B 6 1.19 11.87 2.57
O5' A2M B 6 1.46 9.48 3.32
C5' A2M B 6 0.89 9.50 4.64
C4' A2M B 6 0.37 8.14 5.10
O4' A2M B 6 -0.21 7.52 3.94
C3' A2M B 6 1.43 7.09 5.51
O3' A2M B 6 1.93 7.37 6.85
C2' A2M B 6 0.52 5.84 5.55
O2' A2M B 6 -0.54 6.08 6.54
C1' A2M B 6 0.02 6.12 4.13
CM' A2M B 6 -1.29 4.93 6.96
N9 A2M B 6 -0.09 5.12 3.03
C8 A2M B 6 0.33 5.18 1.70
N7 A2M B 6 0.02 4.06 1.02
C5 A2M B 6 -0.60 3.27 1.93
C6 A2M B 6 -1.17 1.98 1.85
N6 A2M B 6 -1.17 1.29 0.71
N1 A2M B 6 -1.72 1.46 2.96
C2 A2M B 6 -1.72 2.18 4.08
N3 A2M B 6 -1.23 3.39 4.27
C4 A2M B 6 -0.67 3.89 3.15
H5' A2M B 6 0.03 10.17 4.63
H5'' A2M B 6 1.60 9.89 5.37
H4' A2M B 6 -0.38 8.28 5.89
H3' A2M B 6 2.20 7.01 4.76
H2' A2M B 6 1.07 4.92 5.67
H1' A2M B 6 -1.03 5.99 4.43
HM'1 A2M B 6 -2.08 5.25 7.63
HM'2 A2M B 6 -1.73 4.41 6.10
HM'3 A2M B 6 -0.64 4.23 7.49
H8 A2M B 6 0.87 5.96 1.18
OP2 A2M B 6 1.40 9.96 0.87
H61 A2M B 6 -1.67 0.40 0.65
H62 A2M B 6 -0.67 1.65 -0.07
H2 A2M B 6 -2.15 1.76 4.98
P A2M A 4 8.11 -8.02 -8.36
OP1 A2M A 4 8.14 -9.40 -8.87
O5' A2M A 4 7.50 -8.05 -6.86
C5' A2M A 4 8.04 -8.95 -5.89
C4' A2M A 4 7.73 -8.63 -4.41
O4' A2M A 4 8.11 -7.29 -4.09
C3' A2M A 4 6.23 -8.60 -4.11
O3' A2M A 4 5.63 -9.92 -4.19
C2' A2M A 4 6.35 -8.14 -2.63
O2' A2M A 4 7.00 -9.15 -1.80
C1' A2M A 4 7.38 -7.06 -2.89
CM' A2M A 4 6.16 -10.12 -1.18
N9 A2M A 4 7.51 -5.90 -1.98
C8 A2M A 4 7.65 -4.63 -2.34
N7 A2M A 4 7.78 -3.75 -1.32
C5 A2M A 4 7.70 -4.56 -0.24
C6 A2M A 4 7.76 -4.29 1.14
N6 A2M A 4 7.93 -3.05 1.62
N1 A2M A 4 7.65 -5.31 1.98
C2 A2M A 4 7.48 -6.54 1.50
N3 A2M A 4 7.41 -6.93 0.23
C4 A2M A 4 7.53 -5.87 -0.60
H5' A2M A 4 9.13 -8.94 -5.99
H5'' A2M A 4 7.68 -9.95 -6.11
H4' A2M A 4 8.27 -9.31 -3.76
H3' A2M A 4 5.73 -7.91 -4.79
H2' A2M A 4 5.55 -7.55 -2.19
H1' A2M A 4 8.21 -7.48 -2.31
HM'1 A2M A 4 6.78 -10.83 -0.63
HM'2 A2M A 4 5.47 -9.64 -0.48
HM'3 A2M A 4 5.60 -10.66 -1.94
H8 A2M A 4 7.64 -4.41 -3.41
OP2 A2M A 4 7.40 -6.97 -9.14
H61 A2M A 4 8.04 -2.91 2.62
H62 A2M A 4 7.95 -2.27 0.98
H2 A2M A 4 7.39 -7.34 2.23
P A2M A 5 4.13 -10.11 -4.78
OP1 A2M A 5 3.90 -11.56 -4.95
O5' A2M A 5 3.14 -9.58 -3.62
C5' A2M A 5 2.89 -10.36 -2.43
C4' A2M A 5 2.66 -9.54 -1.15
O4' A2M A 5 3.69 -8.54 -1.07
C3' A2M A 5 1.37 -8.72 -1.14
O3' A2M A 5 0.21 -9.57 -0.92
C2' A2M A 5 1.66 -7.87 0.11
O2' A2M A 5 1.74 -8.67 1.32
C1' A2M A 5 3.03 -7.47 -0.38
CM' A2M A 5 1.44 -7.92 2.52
N9 A2M A 5 3.49 -6.08 -0.19
C8 A2M A 5 3.46 -5.06 -1.08
N7 A2M A 5 3.92 -3.89 -0.57
C5 A2M A 5 4.26 -4.22 0.70
C6 A2M A 5 4.79 -3.49 1.76
N6 A2M A 5 5.10 -2.19 1.65
N1 A2M A 5 5.02 -4.12 2.92
C2 A2M A 5 4.72 -5.41 3.03
N3 A2M A 5 4.22 -6.21 2.11
C4 A2M A 5 4.01 -5.54 0.96
H5' A2M A 5 3.75 -11.01 -2.26
H5'' A2M A 5 2.02 -10.99 -2.60
H4' A2M A 5 2.70 -10.20 -0.29
H3' A2M A 5 1.26 -8.08 -2.02
H2' A2M A 5 1.02 -6.98 0.17
H1' A2M A 5 3.60 -7.80 0.51
HM'1 A2M A 5 1.46 -8.59 3.38
HM'2 A2M A 5 2.16 -7.12 2.69
HM'3 A2M A 5 0.44 -7.49 2.46
H8 A2M A 5 3.07 -5.18 -2.09
OP2 A2M A 5 3.98 -9.20 -5.95
H61 A2M A 5 5.47 -1.71 2.47
H62 A2M A 5 4.95 -1.71 0.77
H2 A2M A 5 4.92 -5.89 3.98
P A2M A 6 -1.05 -9.64 -1.95
OP1 A2M A 6 -1.09 -11.01 -2.50
O5' A2M A 6 -2.36 -9.44 -1.01
C5' A2M A 6 -2.47 -10.09 0.26
C4' A2M A 6 -2.36 -9.10 1.44
O4' A2M A 6 -1.28 -8.20 1.12
C3' A2M A 6 -3.57 -8.17 1.62
O3' A2M A 6 -4.64 -8.84 2.33
C2' A2M A 6 -2.92 -7.11 2.53
O2' A2M A 6 -2.46 -7.76 3.75
C1' A2M A 6 -1.77 -6.93 1.54
CM' A2M A 6 -2.16 -6.89 4.85
N9 A2M A 6 -1.31 -5.63 0.97
C8 A2M A 6 -1.10 -5.24 -0.34
N7 A2M A 6 -0.65 -3.97 -0.44
C5 A2M A 6 -0.59 -3.53 0.85
C6 A2M A 6 -0.20 -2.31 1.42
N6 A2M A 6 0.21 -1.28 0.70
N1 A2M A 6 -0.26 -2.20 2.75
C2 A2M A 6 -0.65 -3.24 3.48
N3 A2M A 6 -1.03 -4.43 3.06
C4 A2M A 6 -0.98 -4.52 1.71
H5' A2M A 6 -1.65 -10.80 0.37
H5'' A2M A 6 -3.40 -10.64 0.33
H4' A2M A 6 -2.15 -9.65 2.36
H3' A2M A 6 -3.90 -7.74 0.68
H2' A2M A 6 -3.55 -6.23 2.68
H1' A2M A 6 -1.03 -6.91 2.34
HM'1 A2M A 6 -3.10 -6.50 5.25
HM'2 A2M A 6 -1.47 -6.10 4.59
HM'3 A2M A 6 -1.76 -7.50 5.66
H8 A2M A 6 -1.25 -5.80 -1.27
OP2 A2M A 6 -0.97 -8.48 -2.86
H61 A2M A 6 0.61 -0.46 1.14
H62 A2M A 6 0.13 -1.31 -0.31
H2 A2M A 6 -0.70 -3.11 4.57
P A2M B 4 -4.16 10.21 -8.33
OP1 A2M B 4 -4.16 11.68 -8.51
O5' A2M B 4 -4.24 9.87 -6.75
C5' A2M B 4 -5.27 10.49 -5.96
C4' A2M B 4 -5.55 9.81 -4.61
O4' A2M B 4 -5.82 8.42 -4.80
C3' A2M B 4 -4.32 9.78 -3.69
O3' A2M B 4 -3.95 11.09 -3.19
C2' A2M B 4 -4.97 8.93 -2.56
O2' A2M B 4 -6.06 9.64 -1.90
C1' A2M B 4 -5.61 7.91 -3.48
CM' A2M B 4 -5.74 10.47 -0.78
N9 A2M B 4 -5.88 6.54 -2.99
C8 A2M B 4 -5.62 5.41 -3.63
N7 A2M B 4 -5.99 4.28 -2.99
C5 A2M B 4 -6.53 4.77 -1.85
C6 A2M B 4 -7.10 4.13 -0.74
N6 A2M B 4 -7.23 2.82 -0.63
N1 A2M B 4 -7.56 4.91 0.25
C2 A2M B 4 -7.45 6.23 0.16
N3 A2M B 4 -6.94 6.94 -0.83
C4 A2M B 4 -6.48 6.13 -1.81
H5' A2M B 4 -6.20 10.45 -6.52
H5'' A2M B 4 -5.00 11.52 -5.79
H4' A2M B 4 -6.41 10.29 -4.13
H3' A2M B 4 -3.47 9.33 -4.21
H2' A2M B 4 -4.33 8.29 -1.95
H1' A2M B 4 -6.66 8.10 -3.25
HM'1 A2M B 4 -6.65 10.96 -0.42
HM'2 A2M B 4 -5.32 9.86 0.02
HM'3 A2M B 4 -5.02 11.23 -1.08
H8 A2M B 4 -5.12 5.49 -4.60
OP2 A2M B 4 -3.07 9.40 -8.92
H61 A2M B 4 -7.77 2.42 0.13
H62 A2M B 4 -6.78 2.21 -1.31
H2 A2M B 4 -7.84 6.80 1.00
P A2M B 5 -2.39 11.48 -2.94
OP1 A2M B 5 -2.35 12.95 -2.68
O5' A2M B 5 -1.96 10.72 -1.58
C5' A2M B 5 -2.37 11.19 -0.29
C4' A2M B 5 -2.61 10.09 0.76
O4' A2M B 5 -3.35 9.03 0.14
C3' A2M B 5 -1.32 9.40 1.25
O3' A2M B 5 -0.58 10.24 2.15
C2' A2M B 5 -1.99 8.22 1.99
O2' A2M B 5 -2.76 8.64 3.15
C1' A2M B 5 -2.87 7.86 0.82
CM' A2M B 5 -2.93 7.60 4.15
N9 A2M B 5 -3.05 6.45 0.46
C8 A2M B 5 -2.42 5.76 -0.53
N7 A2M B 5 -2.79 4.46 -0.60
C5 A2M B 5 -3.70 4.34 0.40
C6 A2M B 5 -4.46 3.27 0.87
N6 A2M B 5 -4.41 2.05 0.34
N1 A2M B 5 -5.29 3.49 1.90
C2 A2M B 5 -5.35 4.71 2.44
N3 A2M B 5 -4.69 5.79 2.09
C4 A2M B 5 -3.87 5.53 1.05
H5' A2M B 5 -3.32 11.73 -0.40
H5'' A2M B 5 -1.65 11.90 0.10
H4' A2M B 5 -3.16 10.51 1.61
H3' A2M B 5 -0.70 8.99 0.44
H2' A2M B 5 -1.26 7.45 2.18
H1' A2M B 5 -3.83 7.87 1.35
HM'1 A2M B 5 -3.32 8.04 5.06
HM'2 A2M B 5 -3.62 6.84 3.81
HM'3 A2M B 5 -1.98 7.12 4.37
H8 A2M B 5 -1.68 6.22 -1.19
OP2 A2M B 5 -1.60 10.92 -4.06
H61 A2M B 5 -5.09 1.35 0.66
H62 A2M B 5 -3.73 1.82 -0.36
H2 A2M B 5 -6.03 4.83 3.27
P A2M B 6 1.04 10.43 2.08
OP1 A2M B 6 1.35 11.83 2.48
O5' A2M B 6 1.66 9.45 3.20
C5' A2M B 6 1.17 9.48 4.57
C4' A2M B 6 0.66 8.13 5.07
O4' A2M B 6 0.00 7.50 3.96
C3' A2M B 6 1.73 7.08 5.43
O3' A2M B 6 2.34 7.36 6.72
C2' A2M B 6 0.80 5.84 5.54
O2' A2M B 6 -0.20 6.10 6.57
C1' A2M B 6 0.23 6.11 4.14
CM' A2M B 6 -0.94 4.97 7.06
N9 A2M B 6 0.07 5.10 3.06
C8 A2M B 6 0.44 5.13 1.72
N7 A2M B 6 0.08 4.00 1.05
C5 A2M B 6 -0.52 3.24 2.00
C6 A2M B 6 -1.10 1.97 1.95
N6 A2M B 6 -1.15 1.26 0.83
N1 A2M B 6 -1.62 1.46 3.08
C2 A2M B 6 -1.56 2.20 4.20
N3 A2M B 6 -1.05 3.40 4.37
C4 A2M B 6 -0.53 3.87 3.21
H5' A2M B 6 0.32 10.15 4.59
H5'' A2M B 6 1.94 9.87 5.24
H4' A2M B 6 -0.03 8.29 5.90
H3' A2M B 6 2.46 6.97 4.62
H2' A2M B 6 1.35 4.91 5.65
H1' A2M B 6 -0.79 5.99 4.49
HM'1 A2M B 6 -1.72 5.34 7.72
HM'2 A2M B 6 -1.40 4.43 6.24
HM'3 A2M B 6 -0.29 4.31 7.63
H8 A2M B 6 0.98 5.90 1.16
OP2 A2M B 6 1.50 9.94 0.77
H61 A2M B 6 -1.66 0.38 0.79
H62 A2M B 6 -0.66 1.60 0.02
H2 A2M B 6 -1.98 1.79 5.13
P A2M A 4 9.85 -7.41 -8.18
OP1 A2M A 4 9.98 -8.78 -8.72
O5' A2M A 4 8.95 -7.48 -6.82
C5' A2M A 4 9.25 -8.47 -5.84
C4' A2M A 4 8.73 -8.20 -4.41
O4' A2M A 4 9.15 -6.89 -4.00
C3' A2M A 4 7.21 -8.09 -4.30
O3' A2M A 4 6.52 -9.35 -4.49
C2' A2M A 4 7.18 -7.69 -2.79
O2' A2M A 4 7.69 -8.75 -1.92
C1' A2M A 4 8.28 -6.66 -2.88
CM' A2M A 4 6.83 -9.82 -1.56
N9 A2M A 4 8.33 -5.53 -1.94
C8 A2M A 4 8.49 -4.23 -2.25
N7 A2M A 4 8.56 -3.40 -1.20
C5 A2M A 4 8.43 -4.23 -0.14
C6 A2M A 4 8.41 -4.01 1.23
N6 A2M A 4 8.55 -2.79 1.76
N1 A2M A 4 8.27 -5.06 2.04
C2 A2M A 4 8.15 -6.27 1.51
N3 A2M A 4 8.14 -6.62 0.23
C4 A2M A 4 8.29 -5.54 -0.56
H5' A2M A 4 10.33 -8.56 -5.76
H5'' A2M A 4 8.84 -9.42 -6.17
H4' A2M A 4 9.15 -8.93 -3.72
H3' A2M A 4 6.82 -7.35 -5.01
H2' A2M A 4 6.35 -7.09 -2.42
H1' A2M A 4 9.02 -7.13 -2.23
HM'1 A2M A 4 7.38 -10.55 -0.95
HM'2 A2M A 4 5.98 -9.45 -0.97
HM'3 A2M A 4 6.46 -10.31 -2.45
H8 A2M A 4 8.53 -3.98 -3.31
OP2 A2M A 4 9.31 -6.33 -9.04
H61 A2M A 4 8.60 -2.66 2.77
H62 A2M A 4 8.60 -1.99 1.14
H2 A2M A 4 8.02 -7.10 2.22
P A2M A 5 5.02 -9.41 -5.15
OP1 A2M A 5 4.73 -10.84 -5.45
O5' A2M A 5 4.01 -8.94 -3.97
C5' A2M A 5 3.65 -9.81 -2.88
C4' A2M A 5 3.38 -9.08 -1.54
O4' A2M A 5 4.43 -8.12 -1.35
C3' A2M A 5 2.10 -8.24 -1.53
O3' A2M A 5 0.92 -9.07 -1.39
C2' A2M A 5 2.37 -7.45 -0.22
O2' A2M A 5 2.41 -8.32 0.94
C1' A2M A 5 3.77 -7.06 -0.65
CM' A2M A 5 2.09 -7.65 2.18
N9 A2M A 5 4.21 -5.68 -0.42
C8 A2M A 5 4.23 -4.64 -1.29
N7 A2M A 5 4.67 -3.48 -0.74
C5 A2M A 5 4.95 -3.84 0.54
C6 A2M A 5 5.44 -3.12 1.63
N6 A2M A 5 5.73 -1.83 1.56
N1 A2M A 5 5.60 -3.78 2.80
C2 A2M A 5 5.30 -5.07 2.87
N3 A2M A 5 4.83 -5.86 1.91
C4 A2M A 5 4.68 -5.16 0.76
H5' A2M A 5 4.46 -10.51 -2.71
H5'' A2M A 5 2.76 -10.39 -3.14
H4' A2M A 5 3.37 -9.81 -0.73
H3' A2M A 5 2.06 -7.55 -2.38
H2' A2M A 5 1.77 -6.55 -0.13
H1' A2M A 5 4.30 -7.41 0.23
HM'1 A2M A 5 2.15 -8.34 3.02
HM'2 A2M A 5 1.08 -7.23 2.12
HM'3 A2M A 5 2.76 -6.79 2.35
H8 A2M A 5 3.90 -4.73 -2.33
OP2 A2M A 5 4.96 -8.42 -6.23
H61 A2M A 5 6.06 -1.35 2.40
H62 A2M A 5 5.64 -1.34 0.68
H2 A2M A 5 5.44 -5.57 3.82
P A2M A 6 -0.36 -8.95 -2.38
OP1 A2M A 6 -0.38 -10.15 -3.25
O5' A2M A 6 -1.68 -8.99 -1.44
C5' A2M A 6 -1.76 -9.86 -0.29
C4' A2M A 6 -1.70 -9.05 1.01
O4' A2M A 6 -0.61 -8.12 0.84
C3' A2M A 6 -2.94 -8.18 1.27
O3' A2M A 6 -3.97 -8.92 1.97
C2' A2M A 6 -2.32 -7.13 2.23
O2' A2M A 6 -1.84 -7.81 3.42
C1' A2M A 6 -1.17 -6.88 1.25
CM' A2M A 6 -1.60 -6.98 4.55
N9 A2M A 6 -0.75 -5.57 0.70
C8 A2M A 6 -0.53 -5.17 -0.61
N7 A2M A 6 -0.11 -3.89 -0.70
C5 A2M A 6 -0.07 -3.46 0.59
C6 A2M A 6 0.30 -2.24 1.17
N6 A2M A 6 0.70 -1.21 0.44
N1 A2M A 6 0.23 -2.14 2.51
C2 A2M A 6 -0.16 -3.18 3.23
N3 A2M A 6 -0.52 -4.37 2.80
C4 A2M A 6 -0.45 -4.45 1.46
H5' A2M A 6 -0.91 -10.54 -0.30
H5'' A2M A 6 -2.68 -10.45 -0.32
H4' A2M A 6 -1.51 -9.72 1.85
H3' A2M A 6 -3.31 -7.70 0.37
H2' A2M A 6 -2.97 -6.28 2.41
H1' A2M A 6 -0.45 -6.82 2.07
HM'1 A2M A 6 -2.56 -6.60 4.93
HM'2 A2M A 6 -0.93 -6.15 4.32
HM'3 A2M A 6 -1.20 -7.59 5.36
H8 A2M A 6 -0.68 -5.73 -1.54
OP2 A2M A 6 -0.31 -7.60 -3.02
H61 A2M A 6 1.07 -0.37 0.90
H62 A2M A 6 0.65 -1.26 -0.56
H2 A2M A 6 -0.22 -3.06 4.31
P A2M B 4 -4.55 10.24 -8.87
OP1 A2M B 4 -4.44 11.72 -8.89
O5' A2M B 4 -4.66 9.75 -7.33
C5' A2M B 4 -5.61 10.37 -6.45
C4' A2M B 4 -5.97 9.60 -5.17
O4' A2M B 4 -6.39 8.27 -5.48
C3' A2M B 4 -4.75 9.32 -4.28
O3' A2M B 4 -4.22 10.53 -3.67
C2' A2M B 4 -5.48 8.46 -3.22
O2' A2M B 4 -6.46 9.24 -2.48
C1' A2M B 4 -6.26 7.62 -4.20
CM' A2M B 4 -6.03 9.86 -1.25
N9 A2M B 4 -6.72 6.26 -3.83
C8 A2M B 4 -6.65 5.17 -4.60
N7 A2M B 4 -7.16 4.05 -4.06
C5 A2M B 4 -7.57 4.47 -2.84
C6 A2M B 4 -8.17 3.82 -1.76
N6 A2M B 4 -8.49 2.52 -1.79
N1 A2M B 4 -8.45 4.53 -0.67
C2 A2M B 4 -8.14 5.82 -0.63
N3 A2M B 4 -7.57 6.57 -1.57
C4 A2M B 4 -7.31 5.81 -2.67
H5' A2M B 4 -6.54 10.51 -7.00
H5'' A2M B 4 -5.22 11.34 -6.16
H4' A2M B 4 -6.76 10.11 -4.64
H3' A2M B 4 -3.97 8.82 -4.86
H2' A2M B 4 -4.93 7.68 -2.69
H1' A2M B 4 -7.27 7.92 -3.94
HM'1 A2M B 4 -6.84 10.45 -0.83
HM'2 A2M B 4 -5.75 9.08 -0.54
HM'3 A2M B 4 -5.17 10.49 -1.45
H8 A2M B 4 -6.21 5.31 -5.59
OP2 A2M B 4 -3.53 9.41 -9.55
H61 A2M B 4 -8.97 2.09 -1.00
H62 A2M B 4 -8.26 1.98 -2.60
H2 A2M B 4 -8.39 6.35 0.29
P A2M B 5 -2.62 10.76 -3.52
OP1 A2M B 5 -2.41 12.18 -3.17
O5' A2M B 5 -2.18 9.84 -2.25
C5' A2M B 5 -2.48 10.26 -0.91
C4' A2M B 5 -2.78 9.10 0.06
O4' A2M B 5 -3.71 8.21 -0.60
C3' A2M B 5 -1.58 8.19 0.37
O3' A2M B 5 -0.66 8.86 1.28
C2' A2M B 5 -2.35 7.05 1.08
O2' A2M B 5 -2.99 7.49 2.30
C1' A2M B 5 -3.36 6.94 -0.05
CM' A2M B 5 -3.24 6.44 3.25
N9 A2M B 5 -3.76 5.61 -0.52
C8 A2M B 5 -3.30 4.90 -1.58
N7 A2M B 5 -3.87 3.68 -1.71
C5 A2M B 5 -4.74 3.63 -0.68
C6 A2M B 5 -5.64 2.66 -0.23
N6 A2M B 5 -5.80 1.50 -0.84
N1 A2M B 5 -6.37 2.93 0.86
C2 A2M B 5 -6.22 4.10 1.48
N3 A2M B 5 -5.41 5.09 1.16
C4 A2M B 5 -4.69 4.79 0.06
H5' A2M B 5 -3.36 10.90 -0.92
H5'' A2M B 5 -1.65 10.84 -0.50
H4' A2M B 5 -3.21 9.50 0.98
H3' A2M B 5 -1.10 7.84 -0.54
H2' A2M B 5 -1.79 6.11 1.14
H1' A2M B 5 -4.26 7.03 0.56
HM'1 A2M B 5 -3.75 6.85 4.12
HM'2 A2M B 5 -3.86 5.65 2.83
HM'3 A2M B 5 -2.29 6.02 3.59
H8 A2M B 5 -2.53 5.28 -2.25
OP2 A2M B 5 -1.96 10.20 -4.73
H61 A2M B 5 -6.43 0.81 -0.44
H62 A2M B 5 -5.29 1.30 -1.70
H2 A2M B 5 -6.82 4.28 2.37
P A2M B 6 0.94 8.92 1.02
OP1 A2M B 6 1.27 10.31 0.63
O5' A2M B 6 1.67 8.62 2.44
C5' A2M B 6 1.20 9.22 3.67
C4' A2M B 6 0.58 8.17 4.59
O4' A2M B 6 -0.30 7.40 3.75
C3' A2M B 6 1.60 7.14 5.16
O3' A2M B 6 2.12 7.59 6.45
C2' A2M B 6 0.68 5.93 5.37
O2' A2M B 6 -0.34 6.27 6.34
C1' A2M B 6 0.13 6.08 3.95
CM' A2M B 6 -0.97 5.16 6.98
N9 A2M B 6 0.14 5.05 2.87
C8 A2M B 6 0.63 5.13 1.57
N7 A2M B 6 0.40 3.98 0.88
C5 A2M B 6 -0.22 3.18 1.77
C6 A2M B 6 -0.71 1.86 1.67
N6 A2M B 6 -0.62 1.15 0.54
N1 A2M B 6 -1.29 1.31 2.75
C2 A2M B 6 -1.38 2.03 3.86
N3 A2M B 6 -0.97 3.27 4.07
C4 A2M B 6 -0.38 3.79 2.98
H5' A2M B 6 0.44 9.96 3.45
H5'' A2M B 6 2.03 9.72 4.19
H4' A2M B 6 0.04 8.64 5.39
H3' A2M B 6 2.40 6.91 4.45
H2' A2M B 6 1.22 5.01 5.56
H1' A2M B 6 -0.88 5.79 4.26
HM'1 A2M B 6 -1.42 4.51 6.24
HM'2 A2M B 6 -1.80 5.53 7.59
HM'3 A2M B 6 -0.27 4.61 7.60
H8 A2M B 6 1.15 5.93 1.06
OP2 A2M B 6 1.29 7.80 0.11
H61 A2M B 6 -1.09 0.26 0.47
H62 A2M B 6 -0.10 1.53 -0.24
H2 A2M B 6 -1.85 1.56 4.73
P A2M A 4 8.15 -7.89 -8.33
OP1 A2M A 4 8.42 -9.24 -8.85
O5' A2M A 4 7.46 -8.02 -6.88
C5' A2M A 4 8.05 -8.89 -5.90
C4' A2M A 4 7.66 -8.62 -4.43
O4' A2M A 4 7.89 -7.25 -4.10
C3' A2M A 4 6.15 -8.75 -4.17
O3' A2M A 4 5.68 -10.11 -4.26
C2' A2M A 4 6.19 -8.29 -2.67
O2' A2M A 4 6.94 -9.22 -1.84
C1' A2M A 4 7.11 -7.11 -2.90
CM' A2M A 4 6.25 -10.35 -1.29
N9 A2M A 4 7.07 -5.95 -1.99
C8 A2M A 4 7.01 -4.66 -2.33
N7 A2M A 4 7.04 -3.80 -1.30
C5 A2M A 4 7.12 -4.62 -0.23
C6 A2M A 4 7.18 -4.36 1.15
N6 A2M A 4 7.18 -3.14 1.66
N1 A2M A 4 7.25 -5.41 1.97
C2 A2M A 4 7.26 -6.64 1.46
N3 A2M A 4 7.21 -7.01 0.19
C4 A2M A 4 7.14 -5.93 -0.61
H5' A2M A 4 9.13 -8.77 -5.94
H5'' A2M A 4 7.79 -9.91 -6.14
H4' A2M A 4 8.25 -9.25 -3.76
H3' A2M A 4 5.59 -8.12 -4.85
H2' A2M A 4 5.33 -7.80 -2.25
H1' A2M A 4 7.97 -7.43 -2.31
HM'1 A2M A 4 6.95 -10.98 -0.73
HM'2 A2M A 4 5.46 -10.02 -0.62
HM'3 A2M A 4 5.82 -10.94 -2.10
H8 A2M A 4 6.94 -4.44 -3.39
OP2 A2M A 4 7.35 -6.93 -9.14
H61 A2M A 4 7.36 -3.00 2.65
H62 A2M A 4 7.01 -2.35 1.06
H2 A2M A 4 7.30 -7.46 2.19
P A2M A 5 4.19 -10.45 -4.80
OP1 A2M A 5 4.11 -11.92 -5.00
O5' A2M A 5 3.19 -10.05 -3.59
C5' A2M A 5 3.03 -10.88 -2.43
C4' A2M A 5 2.76 -10.12 -1.12
O4' A2M A 5 3.66 -8.99 -1.04
C3' A2M A 5 1.37 -9.48 -1.06
O3' A2M A 5 0.34 -10.46 -0.82
C2' A2M A 5 1.60 -8.60 0.20
O2' A2M A 5 1.80 -9.39 1.41
C1' A2M A 5 2.90 -8.04 -0.32
CM' A2M A 5 1.46 -8.66 2.62
N9 A2M A 5 3.15 -6.60 -0.14
C8 A2M A 5 2.96 -5.58 -1.01
N7 A2M A 5 3.27 -4.36 -0.52
C5 A2M A 5 3.69 -4.65 0.74
C6 A2M A 5 4.15 -3.84 1.80
N6 A2M A 5 4.27 -2.52 1.70
N1 A2M A 5 4.48 -4.44 2.95
C2 A2M A 5 4.37 -5.77 3.05
N3 A2M A 5 3.96 -6.62 2.14
C4 A2M A 5 3.62 -5.99 1.00
H5' A2M A 5 3.96 -11.45 -2.29
H5'' A2M A 5 2.24 -11.60 -2.59
H4' A2M A 5 2.91 -10.79 -0.27
H3' A2M A 5 1.15 -8.82 -1.90
H2' A2M A 5 0.84 -7.83 0.28
H1' A2M A 5 3.52 -8.28 0.53
HM'1 A2M A 5 1.48 -9.34 3.47
HM'2 A2M A 5 2.18 -7.86 2.80
HM'3 A2M A 5 0.47 -8.22 2.55
H8 A2M A 5 2.57 -5.75 -2.02
OP2 A2M A 5 3.90 -9.56 -5.95
H61 A2M A 5 4.67 -2.02 2.48
H62 A2M A 5 3.95 -2.03 0.88
H2 A2M A 5 4.65 -6.21 4.00
P A2M A 6 -1.03 -10.57 -1.71
OP1 A2M A 6 -1.29 -12.00 -1.98
O5' A2M A 6 -2.20 -10.00 -0.75
C5' A2M A 6 -2.34 -10.50 0.60
C4' A2M A 6 -2.22 -9.42 1.67
O4' A2M A 6 -1.16 -8.53 1.24
C3' A2M A 6 -3.42 -8.46 1.81
O3' A2M A 6 -4.50 -9.08 2.54
C2' A2M A 6 -2.75 -7.37 2.68
O2' A2M A 6 -2.30 -8.00 3.92
C1' A2M A 6 -1.60 -7.24 1.68
CM' A2M A 6 -1.94 -7.11 5.00
N9 A2M A 6 -1.09 -5.95 1.11
C8 A2M A 6 -0.85 -5.55 -0.20
N7 A2M A 6 -0.37 -4.29 -0.27
C5 A2M A 6 -0.30 -3.88 1.02
C6 A2M A 6 0.11 -2.67 1.61
N6 A2M A 6 0.56 -1.64 0.90
N1 A2M A 6 0.03 -2.57 2.95
C2 A2M A 6 -0.41 -3.61 3.66
N3 A2M A 6 -0.81 -4.79 3.22
C4 A2M A 6 -0.74 -4.86 1.87
H5' A2M A 6 -1.53 -11.21 0.79
H5'' A2M A 6 -3.29 -11.04 0.72
H4' A2M A 6 -1.96 -9.88 2.63
H3' A2M A 6 -3.72 -8.07 0.83
H2' A2M A 6 -3.36 -6.49 2.80
H1' A2M A 6 -0.85 -7.26 2.46
HM'1 A2M A 6 -1.49 -7.70 5.80
HM'2 A2M A 6 -1.22 -6.36 4.66
HM'3 A2M A 6 -2.83 -6.63 5.39
H8 A2M A 6 -1.01 -6.09 -1.13
OP2 A2M A 6 -0.90 -9.63 -2.85
H61 A2M A 6 0.94 -0.83 1.36
H62 A2M A 6 0.50 -1.69 -0.11
H2 A2M A 6 -0.46 -3.51 4.74
P A2M B 4 -3.18 9.41 -8.55
OP1 A2M B 4 -3.00 10.86 -8.71
O5' A2M B 4 -3.42 9.09 -6.99
C5' A2M B 4 -4.52 9.72 -6.31
C4' A2M B 4 -4.94 9.07 -4.98
O4' A2M B 4 -5.17 7.67 -5.18
C3' A2M B 4 -3.82 9.06 -3.94
O3' A2M B 4 -3.55 10.38 -3.43
C2' A2M B 4 -4.58 8.21 -2.87
O2' A2M B 4 -5.72 8.95 -2.33
C1' A2M B 4 -5.13 7.19 -3.82
CM' A2M B 4 -5.51 9.74 -1.16
N9 A2M B 4 -5.49 5.84 -3.36
C8 A2M B 4 -5.25 4.70 -3.99
N7 A2M B 4 -5.69 3.59 -3.37
C5 A2M B 4 -6.26 4.09 -2.25
C6 A2M B 4 -6.92 3.50 -1.17
N6 A2M B 4 -7.11 2.18 -1.06
N1 A2M B 4 -7.37 4.29 -0.20
C2 A2M B 4 -7.20 5.60 -0.28
N3 A2M B 4 -6.60 6.29 -1.24
C4 A2M B 4 -6.15 5.46 -2.22
H5' A2M B 4 -5.39 9.68 -6.96
H5'' A2M B 4 -4.26 10.76 -6.12
H4' A2M B 4 -5.85 9.54 -4.61
H3' A2M B 4 -2.93 8.61 -4.35
H2' A2M B 4 -4.02 7.57 -2.20
H1' A2M B 4 -6.19 7.40 -3.72
HM'1 A2M B 4 -6.43 10.26 -0.90
HM'2 A2M B 4 -5.20 9.11 -0.33
HM'3 A2M B 4 -4.73 10.48 -1.37
H8 A2M B 4 -4.71 4.78 -4.94
OP2 A2M B 4 -2.13 8.48 -9.06
H61 A2M B 4 -7.69 1.82 -0.32
H62 A2M B 4 -6.68 1.55 -1.73
H2 A2M B 4 -7.58 6.20 0.55
P A2M B 5 -2.02 10.88 -3.15
OP1 A2M B 5 -2.06 12.34 -2.96
O5' A2M B 5 -1.61 10.21 -1.73
C5' A2M B 5 -2.15 10.70 -0.49
C4' A2M B 5 -2.41 9.62 0.57
O4' A2M B 5 -3.09 8.53 -0.07
C3' A2M B 5 -1.15 8.96 1.15
O3' A2M B 5 -0.48 9.83 2.09
C2' A2M B 5 -1.85 7.80 1.88
O2' A2M B 5 -2.69 8.22 2.99
C1' A2M B 5 -2.67 7.39 0.67
CM' A2M B 5 -2.92 7.17 3.96
N9 A2M B 5 -2.83 5.97 0.34
C8 A2M B 5 -2.14 5.23 -0.56
N7 A2M B 5 -2.53 3.93 -0.62
C5 A2M B 5 -3.53 3.88 0.31
C6 A2M B 5 -4.36 2.84 0.75
N6 A2M B 5 -4.29 1.59 0.28
N1 A2M B 5 -5.26 3.13 1.69
C2 A2M B 5 -5.34 4.36 2.17
N3 A2M B 5 -4.62 5.41 1.84
C4 A2M B 5 -3.73 5.10 0.89
H5' A2M B 5 -3.09 11.20 -0.69
H5'' A2M B 5 -1.47 11.44 -0.06
H4' A2M B 5 -3.03 10.03 1.37
H3' A2M B 5 -0.49 8.56 0.39
H2' A2M B 5 -1.13 7.01 2.14
H1' A2M B 5 -3.65 7.43 1.14
HM'1 A2M B 5 -1.97 6.72 4.27
HM'2 A2M B 5 -3.59 6.39 3.61
HM'3 A2M B 5 -3.31 7.62 4.87
H8 A2M B 5 -1.33 5.66 -1.16
OP2 A2M B 5 -1.15 10.30 -4.20
H61 A2M B 5 -5.00 0.93 0.59
H62 A2M B 5 -3.57 1.33 -0.36
H2 A2M B 5 -6.09 4.55 2.95
P A2M B 6 1.13 10.10 2.09
OP1 A2M B 6 1.35 11.51 2.47
O5' A2M B 6 1.73 9.16 3.27
C5' A2M B 6 1.19 9.23 4.61
C4' A2M B 6 0.67 7.89 5.13
O4' A2M B 6 0.05 7.23 4.03
C3' A2M B 6 1.75 6.87 5.55
O3' A2M B 6 2.31 7.17 6.85
C2' A2M B 6 0.84 5.61 5.65
O2' A2M B 6 -0.20 5.88 6.65
C1' A2M B 6 0.32 5.85 4.23
CM' A2M B 6 -0.94 4.76 7.13
N9 A2M B 6 0.23 4.81 3.16
C8 A2M B 6 0.68 4.82 1.84
N7 A2M B 6 0.38 3.67 1.19
C5 A2M B 6 -0.27 2.92 2.12
C6 A2M B 6 -0.83 1.63 2.06
N6 A2M B 6 -0.81 0.88 0.97
N1 A2M B 6 -1.42 1.16 3.18
C2 A2M B 6 -1.44 1.91 4.28
N3 A2M B 6 -0.95 3.13 4.43
C4 A2M B 6 -0.37 3.58 3.31
H5' A2M B 6 0.32 9.90 4.59
H5'' A2M B 6 1.92 9.65 5.29
H4' A2M B 6 -0.03 8.06 5.94
H3' A2M B 6 2.51 6.75 4.78
H2' A2M B 6 1.41 4.69 5.80
H1' A2M B 6 -0.72 5.70 4.54
HM'1 A2M B 6 -1.76 5.12 7.75
HM'2 A2M B 6 -1.36 4.19 6.30
HM'3 A2M B 6 -0.31 4.11 7.74
H8 A2M B 6 1.23 5.58 1.30
OP2 A2M B 6 1.67 9.60 0.80
H61 A2M B 6 -1.33 0.01 0.93
H62 A2M B 6 -0.28 1.21 0.17
H2 A2M B 6 -1.90 1.52 5.18
P A2M A 4 8.69 -8.22 -8.53
OP1 A2M A 4 8.68 -9.61 -9.05
O5' A2M A 4 7.99 -8.20 -7.07
C5' A2M A 4 8.41 -9.17 -6.08
C4' A2M A 4 8.05 -8.83 -4.62
O4' A2M A 4 8.54 -7.52 -4.29
C3' A2M A 4 6.54 -8.68 -4.37
O3' A2M A 4 5.84 -9.94 -4.43
C2' A2M A 4 6.66 -8.21 -2.90
O2' A2M A 4 7.20 -9.27 -2.05
C1' A2M A 4 7.76 -7.22 -3.13
CM' A2M A 4 6.29 -10.06 -1.30
N9 A2M A 4 7.89 -6.04 -2.24
C8 A2M A 4 8.06 -4.78 -2.62
N7 A2M A 4 8.18 -3.88 -1.63
C5 A2M A 4 8.08 -4.66 -0.53
C6 A2M A 4 8.11 -4.37 0.84
N6 A2M A 4 8.29 -3.13 1.30
N1 A2M A 4 7.97 -5.38 1.70
C2 A2M A 4 7.80 -6.62 1.24
N3 A2M A 4 7.75 -7.02 -0.02
C4 A2M A 4 7.89 -5.98 -0.86
H5' A2M A 4 9.49 -9.24 -6.13
H5'' A2M A 4 7.97 -10.13 -6.33
H4' A2M A 4 8.52 -9.55 -3.95
H3' A2M A 4 6.11 -7.98 -5.09
H2' A2M A 4 5.87 -7.57 -2.50
H1' A2M A 4 8.53 -7.66 -2.51
HM'1 A2M A 4 6.84 -10.82 -0.74
HM'2 A2M A 4 5.74 -9.43 -0.60
HM'3 A2M A 4 5.59 -10.55 -1.98
H8 A2M A 4 8.08 -4.58 -3.70
OP2 A2M A 4 8.09 -7.13 -9.35
H61 A2M A 4 8.36 -2.96 2.30
H62 A2M A 4 8.36 -2.36 0.64
H2 A2M A 4 7.68 -7.40 1.99
P A2M A 5 4.31 -10.03 -5.01
OP1 A2M A 5 3.96 -11.45 -5.14
O5' A2M A 5 3.37 -9.38 -3.84
C5' A2M A 5 3.04 -10.13 -2.66
C4' A2M A 5 2.84 -9.29 -1.38
O4' A2M A 5 3.93 -8.35 -1.29
C3' A2M A 5 1.60 -8.40 -1.40
O3' A2M A 5 0.40 -9.18 -1.20
C2' A2M A 5 1.92 -7.55 -0.15
O2' A2M A 5 1.94 -8.35 1.06
C1' A2M A 5 3.34 -7.24 -0.63
CM' A2M A 5 1.69 -7.58 2.26
N9 A2M A 5 3.86 -5.88 -0.45
C8 A2M A 5 3.92 -4.88 -1.37
N7 A2M A 5 4.42 -3.73 -0.88
C5 A2M A 5 4.69 -4.03 0.42
C6 A2M A 5 5.22 -3.29 1.47
N6 A2M A 5 5.58 -2.01 1.35
N1 A2M A 5 5.36 -3.89 2.66
C2 A2M A 5 4.99 -5.16 2.79
N3 A2M A 5 4.48 -5.96 1.87
C4 A2M A 5 4.36 -5.32 0.69
H5' A2M A 5 3.85 -10.85 -2.45
H5'' A2M A 5 2.13 -10.71 -2.84
H4' A2M A 5 2.83 -9.96 -0.51
H3' A2M A 5 1.55 -7.75 -2.29
H2' A2M A 5 1.34 -6.62 -0.11
H1' A2M A 5 3.86 -7.58 0.27
HM'1 A2M A 5 0.69 -7.16 2.22
HM'2 A2M A 5 2.45 -6.80 2.42
HM'3 A2M A 5 1.68 -8.26 3.11
H8 A2M A 5 3.58 -5.02 -2.40
OP2 A2M A 5 4.22 -9.14 -6.19
H61 A2M A 5 5.87 -1.50 2.18
H62 A2M A 5 5.54 -1.56 0.45
H2 A2M A 5 5.12 -5.62 3.77
P A2M A 6 -0.88 -9.11 -2.20
OP1 A2M A 6 -0.94 -10.38 -2.96
O5' A2M A 6 -2.19 -9.06 -1.24
C5' A2M A 6 -2.29 -9.87 -0.06
C4' A2M A 6 -2.17 -9.04 1.23
O4' A2M A 6 -1.08 -8.12 1.02
C3' A2M A 6 -3.40 -8.14 1.51
O3' A2M A 6 -4.43 -8.86 2.22
C2' A2M A 6 -2.73 -7.10 2.45
O2' A2M A 6 -2.23 -7.80 3.63
C1' A2M A 6 -1.61 -6.87 1.45
CM' A2M A 6 -1.98 -6.98 4.77
N9 A2M A 6 -1.21 -5.55 0.88
C8 A2M A 6 -1.01 -5.15 -0.44
N7 A2M A 6 -0.61 -3.87 -0.54
C5 A2M A 6 -0.56 -3.44 0.76
C6 A2M A 6 -0.22 -2.20 1.32
N6 A2M A 6 0.16 -1.15 0.60
N1 A2M A 6 -0.26 -2.10 2.66
C2 A2M A 6 -0.62 -3.15 3.39
N3 A2M A 6 -0.96 -4.35 2.97
C4 A2M A 6 -0.92 -4.43 1.62
H5' A2M A 6 -1.45 -10.58 -0.04
H5'' A2M A 6 -3.22 -10.44 -0.05
H4' A2M A 6 -1.98 -9.68 2.08
H3' A2M A 6 -3.77 -7.67 0.60
H2' A2M A 6 -3.37 -6.24 2.65
H1' A2M A 6 -0.86 -6.81 2.23
HM'1 A2M A 6 -1.51 -7.56 5.56
HM'2 A2M A 6 -2.92 -6.55 5.13
HM'3 A2M A 6 -1.35 -6.14 4.49
H8 A2M A 6 -1.15 -5.72 -1.36
OP2 A2M A 6 -0.83 -7.82 -2.93
H61 A2M A 6 0.52 -0.32 1.05
H62 A2M A 6 0.07 -1.19 -0.40
H2 A2M A 6 -0.67 -3.03 4.48
P A2M B 4 -4.84 10.81 -8.19
OP1 A2M B 4 -4.98 12.28 -8.25
O5' A2M B 4 -4.88 10.35 -6.64
C5' A2M B 4 -5.93 10.84 -5.78
C4' A2M B 4 -6.20 10.05 -4.49
O4' A2M B 4 -6.41 8.66 -4.80
C3' A2M B 4 -5.00 9.96 -3.55
O3' A2M B 4 -4.69 11.23 -2.92
C2' A2M B 4 -5.65 9.01 -2.51
O2' A2M B 4 -6.79 9.65 -1.83
C1' A2M B 4 -6.25 8.05 -3.51
CM' A2M B 4 -6.53 10.33 -0.60
N9 A2M B 4 -6.53 6.65 -3.14
C8 A2M B 4 -6.25 5.57 -3.87
N7 A2M B 4 -6.64 4.40 -3.33
C5 A2M B 4 -7.21 4.79 -2.16
C6 A2M B 4 -7.81 4.07 -1.13
N6 A2M B 4 -7.96 2.75 -1.14
N1 A2M B 4 -8.30 4.76 -0.09
C2 A2M B 4 -8.17 6.09 -0.07
N3 A2M B 4 -7.62 6.87 -0.98
C4 A2M B 4 -7.15 6.15 -2.02
H5' A2M B 4 -6.85 10.85 -6.35
H5'' A2M B 4 -5.68 11.87 -5.50
H4' A2M B 4 -7.10 10.43 -4.00
H3' A2M B 4 -4.13 9.58 -4.07
H2' A2M B 4 -5.03 8.33 -1.93
H1' A2M B 4 -7.31 8.21 -3.31
HM'1 A2M B 4 -7.45 10.79 -0.25
HM'2 A2M B 4 -6.18 9.61 0.15
HM'3 A2M B 4 -5.77 11.09 -0.75
H8 A2M B 4 -5.72 5.74 -4.81
OP2 A2M B 4 -3.68 10.16 -8.83
H61 A2M B 4 -8.48 2.27 -0.41
H62 A2M B 4 -7.54 2.20 -1.89
H2 A2M B 4 -8.56 6.60 0.81
P A2M B 5 -3.15 11.68 -2.62
OP1 A2M B 5 -3.17 13.10 -2.23
O5' A2M B 5 -2.71 10.79 -1.33
C5' A2M B 5 -3.14 11.15 -0.01
C4' A2M B 5 -3.35 9.96 0.95
O4' A2M B 5 -4.10 8.95 0.24
C3' A2M B 5 -2.06 9.21 1.33
O3' A2M B 5 -1.28 9.98 2.30
C2' A2M B 5 -2.71 7.99 2.00
O2' A2M B 5 -3.45 8.31 3.20
C1' A2M B 5 -3.63 7.74 0.83
CM' A2M B 5 -3.59 7.20 4.12
N9 A2M B 5 -3.84 6.36 0.37
C8 A2M B 5 -3.23 5.70 -0.65
N7 A2M B 5 -3.63 4.42 -0.78
C5 A2M B 5 -4.56 4.28 0.20
C6 A2M B 5 -5.35 3.20 0.61
N6 A2M B 5 -5.32 2.01 0.01
N1 A2M B 5 -6.18 3.39 1.64
C2 A2M B 5 -6.22 4.58 2.24
N3 A2M B 5 -5.52 5.66 1.96
C4 A2M B 5 -4.70 5.43 0.92
H5' A2M B 5 -4.08 11.67 -0.07
H5'' A2M B 5 -2.41 11.83 0.45
H4' A2M B 5 -3.87 10.29 1.84
H3' A2M B 5 -1.47 8.89 0.48
H2' A2M B 5 -2.01 7.16 2.11
H1' A2M B 5 -4.58 7.73 1.38
HM'1 A2M B 5 -4.04 7.54 5.05
HM'2 A2M B 5 -4.21 6.41 3.69
HM'3 A2M B 5 -2.61 6.77 4.34
H8 A2M B 5 -2.47 6.17 -1.27
OP2 A2M B 5 -2.32 11.25 -3.77
H61 A2M B 5 -5.95 1.28 0.34
H62 A2M B 5 -4.67 1.83 -0.74
H2 A2M B 5 -6.89 4.70 3.09
P A2M B 6 0.29 10.33 2.10
OP1 A2M B 6 0.46 11.79 2.32
O5' A2M B 6 1.07 9.54 3.29
C5' A2M B 6 0.59 9.62 4.65
C4' A2M B 6 0.12 8.25 5.18
O4' A2M B 6 -0.59 7.60 4.11
C3' A2M B 6 1.25 7.26 5.52
O3' A2M B 6 1.83 7.57 6.81
C2' A2M B 6 0.38 5.97 5.62
O2' A2M B 6 -0.61 6.16 6.67
C1' A2M B 6 -0.22 6.22 4.25
CM' A2M B 6 -1.26 4.98 7.17
N9 A2M B 6 -0.29 5.22 3.13
C8 A2M B 6 0.09 5.32 1.80
N7 A2M B 6 -0.18 4.18 1.11
C5 A2M B 6 -0.74 3.36 2.03
C6 A2M B 6 -1.23 2.05 1.94
N6 A2M B 6 -1.23 1.35 0.82
N1 A2M B 6 -1.73 1.49 3.06
C2 A2M B 6 -1.75 2.19 4.19
N3 A2M B 6 -1.32 3.43 4.38
C4 A2M B 6 -0.82 3.96 3.25
H5' A2M B 6 -0.28 10.27 4.67
H5'' A2M B 6 1.35 10.02 5.30
H4' A2M B 6 -0.54 8.41 6.04
H3' A2M B 6 1.97 7.18 4.72
H2' A2M B 6 0.99 5.06 5.71
H1' A2M B 6 -1.22 5.99 4.59
HM'1 A2M B 6 -2.06 5.27 7.84
HM'2 A2M B 6 -1.66 4.40 6.35
HM'3 A2M B 6 -0.54 4.37 7.73
H8 A2M B 6 0.57 6.14 1.27
OP2 A2M B 6 0.75 9.73 0.81
H61 A2M B 6 -1.69 0.45 0.76
H62 A2M B 6 -0.76 1.73 0.00
H2 A2M B 6 -2.15 1.73 5.09
P A2M A 4 8.09 -8.04 -8.17
OP1 A2M A 4 8.48 -9.38 -8.64
O5' A2M A 4 7.37 -8.18 -6.72
C5' A2M A 4 7.94 -9.04 -5.72
C4' A2M A 4 7.52 -8.76 -4.26
O4' A2M A 4 7.77 -7.39 -3.94
C3' A2M A 4 6.02 -8.89 -4.01
O3' A2M A 4 5.53 -10.25 -4.09
C2' A2M A 4 6.05 -8.42 -2.53
O2' A2M A 4 6.79 -9.35 -1.67
C1' A2M A 4 6.97 -7.24 -2.75
CM' A2M A 4 6.14 -10.51 -1.15
N9 A2M A 4 6.93 -6.08 -1.84
C8 A2M A 4 6.83 -4.80 -2.19
N7 A2M A 4 6.86 -3.92 -1.17
C5 A2M A 4 6.98 -4.73 -0.10
C6 A2M A 4 7.08 -4.46 1.27
N6 A2M A 4 7.07 -3.23 1.78
N1 A2M A 4 7.20 -5.50 2.10
C2 A2M A 4 7.23 -6.74 1.60
N3 A2M A 4 7.15 -7.12 0.34
C4 A2M A 4 7.03 -6.05 -0.47
H5' A2M A 4 9.03 -8.93 -5.76
H5'' A2M A 4 7.68 -10.07 -5.96
H4' A2M A 4 8.12 -9.38 -3.58
H3' A2M A 4 5.46 -8.26 -4.70
H2' A2M A 4 5.18 -7.94 -2.10
H1' A2M A 4 7.82 -7.56 -2.16
HM'1 A2M A 4 6.85 -11.11 -0.59
HM'2 A2M A 4 5.32 -10.19 -0.49
HM'3 A2M A 4 5.72 -11.09 -1.97
H8 A2M A 4 6.72 -4.57 -3.25
OP2 A2M A 4 7.24 -7.19 -9.03
H61 A2M A 4 7.29 -3.08 2.76
H62 A2M A 4 6.86 -2.45 1.18
H2 A2M A 4 7.31 -7.55 2.33
P A2M A 5 4.01 -10.56 -4.57
OP1 A2M A 5 3.89 -12.03 -4.74
O5' A2M A 5 3.05 -10.11 -3.33
C5' A2M A 5 2.90 -10.95 -2.17
C4' A2M A 5 2.65 -10.18 -0.86
O4' A2M A 5 3.57 -9.07 -0.78
C3' A2M A 5 1.27 -9.50 -0.79
O3' A2M A 5 0.21 -10.45 -0.54
C2' A2M A 5 1.53 -8.64 0.47
O2' A2M A 5 1.73 -9.43 1.67
C1' A2M A 5 2.83 -8.09 -0.06
CM' A2M A 5 1.43 -8.71 2.88
N9 A2M A 5 3.10 -6.65 0.11
C8 A2M A 5 2.91 -5.63 -0.77
N7 A2M A 5 3.23 -4.42 -0.28
C5 A2M A 5 3.63 -4.70 0.98
C6 A2M A 5 4.11 -3.90 2.03
N6 A2M A 5 4.22 -2.57 1.93
N1 A2M A 5 4.45 -4.49 3.18
C2 A2M A 5 4.33 -5.81 3.29
N3 A2M A 5 3.91 -6.67 2.38
C4 A2M A 5 3.58 -6.04 1.24
H5' A2M A 5 3.81 -11.53 -2.03
H5'' A2M A 5 2.07 -11.64 -2.32
H4' A2M A 5 2.77 -10.85 -0.01
H3' A2M A 5 1.07 -8.85 -1.64
H2' A2M A 5 0.79 -7.84 0.56
H1' A2M A 5 3.47 -8.34 0.78
HM'1 A2M A 5 0.42 -8.30 2.83
HM'2 A2M A 5 2.14 -7.91 3.08
HM'3 A2M A 5 1.41 -9.41 3.72
H8 A2M A 5 2.52 -5.80 -1.78
OP2 A2M A 5 3.71 -9.68 -5.73
H61 A2M A 5 4.66 -2.07 2.70
H62 A2M A 5 3.87 -2.09 1.12
H2 A2M A 5 4.62 -6.26 4.24
P A2M A 6 -1.14 -10.54 -1.46
OP1 A2M A 6 -1.36 -11.96 -1.81
O5' A2M A 6 -2.35 -10.07 -0.49
C5' A2M A 6 -2.50 -10.61 0.83
C4' A2M A 6 -2.34 -9.55 1.93
O4' A2M A 6 -1.26 -8.69 1.52
C3' A2M A 6 -3.53 -8.57 2.09
O3' A2M A 6 -4.61 -9.17 2.85
C2' A2M A 6 -2.82 -7.50 2.95
O2' A2M A 6 -2.36 -8.13 4.18
C1' A2M A 6 -1.68 -7.39 1.93
CM' A2M A 6 -1.99 -7.26 5.26
N9 A2M A 6 -1.17 -6.11 1.35
C8 A2M A 6 -0.96 -5.74 0.02
N7 A2M A 6 -0.45 -4.49 -0.09
C5 A2M A 6 -0.33 -4.07 1.21
C6 A2M A 6 0.13 -2.87 1.76
N6 A2M A 6 0.59 -1.86 1.02
N1 A2M A 6 0.12 -2.75 3.10
C2 A2M A 6 -0.33 -3.77 3.84
N3 A2M A 6 -0.78 -4.93 3.42
C4 A2M A 6 -0.76 -5.02 2.08
H5' A2M A 6 -1.71 -11.34 0.99
H5'' A2M A 6 -3.46 -11.12 0.94
H4' A2M A 6 -2.11 -10.04 2.87
H3' A2M A 6 -3.85 -8.16 1.13
H2' A2M A 6 -3.42 -6.60 3.08
H1' A2M A 6 -0.92 -7.40 2.72
HM'1 A2M A 6 -1.53 -7.85 6.06
HM'2 A2M A 6 -1.26 -6.51 4.92
HM'3 A2M A 6 -2.86 -6.76 5.66
H8 A2M A 6 -1.17 -6.28 -0.90
OP2 A2M A 6 -1.01 -9.54 -2.54
H61 A2M A 6 1.02 -1.05 1.46
H62 A2M A 6 0.49 -1.91 0.02
H2 A2M A 6 -0.34 -3.64 4.92
P A2M B 4 -3.65 9.81 -8.47
OP1 A2M B 4 -3.59 11.29 -8.56
O5' A2M B 4 -3.76 9.39 -6.91
C5' A2M B 4 -4.78 10.00 -6.09
C4' A2M B 4 -5.11 9.26 -4.78
O4' A2M B 4 -5.43 7.89 -5.04
C3' A2M B 4 -3.90 9.14 -3.84
O3' A2M B 4 -3.49 10.40 -3.30
C2' A2M B 4 -4.61 8.28 -2.77
O2' A2M B 4 -5.69 9.02 -2.09
C1' A2M B 4 -5.29 7.33 -3.73
CM' A2M B 4 -5.34 9.82 -0.97
N9 A2M B 4 -5.65 5.96 -3.29
C8 A2M B 4 -5.48 4.84 -3.99
N7 A2M B 4 -5.93 3.72 -3.38
C5 A2M B 4 -6.43 4.20 -2.22
C6 A2M B 4 -7.05 3.57 -1.13
N6 A2M B 4 -7.28 2.26 -1.06
N1 A2M B 4 -7.44 4.35 -0.11
C2 A2M B 4 -7.23 5.66 -0.15
N3 A2M B 4 -6.66 6.36 -1.12
C4 A2M B 4 -6.27 5.56 -2.14
H5' A2M B 4 -5.70 10.02 -6.68
H5'' A2M B 4 -4.47 11.01 -5.87
H4' A2M B 4 -5.96 9.75 -4.30
H3' A2M B 4 -3.07 8.65 -4.36
H2' A2M B 4 -4.03 7.57 -2.17
H1' A2M B 4 -6.33 7.57 -3.53
HM'1 A2M B 4 -6.22 10.35 -0.61
HM'2 A2M B 4 -4.96 9.19 -0.16
HM'3 A2M B 4 -4.58 10.55 -1.26
H8 A2M B 4 -4.99 4.94 -4.95
OP2 A2M B 4 -2.58 8.99 -9.09
H61 A2M B 4 -7.82 1.88 -0.30
H62 A2M B 4 -6.91 1.66 -1.79
H2 A2M B 4 -7.56 6.23 0.71
P A2M B 5 -1.91 10.76 -3.10
OP1 A2M B 5 -1.81 12.22 -2.86
O5' A2M B 5 -1.47 10.00 -1.73
C5' A2M B 5 -1.89 10.49 -0.44
C4' A2M B 5 -2.19 9.38 0.60
O4' A2M B 5 -2.98 8.37 -0.05
C3' A2M B 5 -0.94 8.60 1.08
O3' A2M B 5 -0.15 9.40 2.00
C2' A2M B 5 -1.68 7.47 1.80
O2' A2M B 5 -2.44 7.93 2.96
C1' A2M B 5 -2.59 7.18 0.63
CM' A2M B 5 -2.65 6.91 3.96
N9 A2M B 5 -2.87 5.78 0.27
C8 A2M B 5 -2.27 5.03 -0.69
N7 A2M B 5 -2.75 3.77 -0.76
C5 A2M B 5 -3.69 3.74 0.22
C6 A2M B 5 -4.55 2.74 0.68
N6 A2M B 5 -4.60 1.51 0.17
N1 A2M B 5 -5.38 3.05 1.69
C2 A2M B 5 -5.36 4.28 2.21
N3 A2M B 5 -4.60 5.29 1.87
C4 A2M B 5 -3.78 4.95 0.85
H5' A2M B 5 -2.80 11.06 -0.57
H5'' A2M B 5 -1.14 11.16 -0.04
H4' A2M B 5 -2.71 9.82 1.44
H3' A2M B 5 -0.36 8.19 0.26
H2' A2M B 5 -1.03 6.62 1.99
H1' A2M B 5 -3.54 7.26 1.16
HM'1 A2M B 5 -3.10 7.35 4.85
HM'2 A2M B 5 -3.32 6.13 3.58
HM'3 A2M B 5 -1.71 6.43 4.24
H8 A2M B 5 -1.48 5.42 -1.34
OP2 A2M B 5 -1.16 10.15 -4.22
H61 A2M B 5 -5.29 0.86 0.53
H62 A2M B 5 -3.95 1.24 -0.55
H2 A2M B 5 -6.04 4.49 3.03
P A2M B 6 1.45 9.62 1.84
OP1 A2M B 6 1.72 11.07 2.00
O5' A2M B 6 2.13 8.85 3.10
C5' A2M B 6 1.60 9.02 4.43
C4' A2M B 6 1.04 7.71 5.02
O4' A2M B 6 0.34 7.05 3.95
C3' A2M B 6 2.09 6.67 5.46
O3' A2M B 6 2.65 7.01 6.75
C2' A2M B 6 1.14 5.46 5.61
O2' A2M B 6 0.13 5.77 6.61
C1' A2M B 6 0.61 5.66 4.19
CM' A2M B 6 -0.63 4.68 7.14
N9 A2M B 6 0.49 4.61 3.14
C8 A2M B 6 0.91 4.59 1.81
N7 A2M B 6 0.58 3.44 1.19
C5 A2M B 6 -0.06 2.71 2.14
C6 A2M B 6 -0.63 1.42 2.12
N6 A2M B 6 -0.65 0.66 1.03
N1 A2M B 6 -1.20 0.97 3.25
C2 A2M B 6 -1.18 1.75 4.33
N3 A2M B 6 -0.68 2.96 4.47
C4 A2M B 6 -0.12 3.39 3.32
H5' A2M B 6 0.77 9.72 4.39
H5'' A2M B 6 2.36 9.43 5.10
H4' A2M B 6 0.36 7.96 5.84
H3' A2M B 6 2.83 6.51 4.69
H2' A2M B 6 1.68 4.52 5.76
H1' A2M B 6 -0.42 5.52 4.52
HM'1 A2M B 6 -1.43 5.08 7.75
HM'2 A2M B 6 -1.07 4.09 6.33
HM'3 A2M B 6 0.00 4.05 7.75
H8 A2M B 6 1.46 5.35 1.25
OP2 A2M B 6 1.90 8.93 0.61
H61 A2M B 6 -1.18 -0.20 1.02
H62 A2M B 6 -0.13 0.95 0.22
H2 A2M B 6 -1.63 1.36 5.26
#